data_6GD4
#
_entry.id   6GD4
#
_cell.length_a   74.720
_cell.length_b   90.410
_cell.length_c   82.890
_cell.angle_alpha   90.00
_cell.angle_beta   115.62
_cell.angle_gamma   90.00
#
_symmetry.space_group_name_H-M   'P 1 21 1'
#
loop_
_entity.id
_entity.type
_entity.pdbx_description
1 polymer 'Pteridine reductase'
2 non-polymer 'NADP NICOTINAMIDE-ADENINE-DINUCLEOTIDE PHOSPHATE'
3 non-polymer 2-amino-1,3-benzothiazole-6-carboxamide
4 non-polymer 'ACETATE ION'
5 non-polymer GLYCEROL
6 water water
#
_entity_poly.entity_id   1
_entity_poly.type   'polypeptide(L)'
_entity_poly.pdbx_seq_one_letter_code
;MGSSHHHHHHSSGLVPRGSHMEAPAAVVTGAAKRIGRAIAVKLHQTGYRVVIHYHNSAEAAVSLADELNKERSNTAVVCQ
ADLTNSNVLPASCEEIINSCFRAFGRCDVLVNNASAFYPTPLVQGDHEDNSNGKTVETQVAELIGTNAIAPFLLTMSFAQ
RQKGTNPNCTSSNLSIVNLCDAMVDQP(CSX)MAFSLYNMGKHALVGLTQSAALELAPYGIRVNGVAPGVSLLPVAMGEE
EKDKWRRKVPLGRREASAEQIADAVIFLVSGSAQYITGSIIKVDGGLSLVHA
;
_entity_poly.pdbx_strand_id   A,B,C,D
#
loop_
_chem_comp.id
_chem_comp.type
_chem_comp.name
_chem_comp.formula
6KT non-polymer 2-amino-1,3-benzothiazole-6-carboxamide 'C8 H7 N3 O S'
ACT non-polymer 'ACETATE ION' 'C2 H3 O2 -1'
GOL non-polymer GLYCEROL 'C3 H8 O3'
NAP non-polymer 'NADP NICOTINAMIDE-ADENINE-DINUCLEOTIDE PHOSPHATE' 'C21 H28 N7 O17 P3'
#
# COMPACT_ATOMS: atom_id res chain seq x y z
N GLU A 22 -22.69 -11.15 32.88
CA GLU A 22 -23.28 -11.73 31.64
C GLU A 22 -22.21 -11.86 30.55
N ALA A 23 -22.24 -12.99 29.84
CA ALA A 23 -21.27 -13.27 28.80
C ALA A 23 -21.58 -12.47 27.53
N PRO A 24 -20.53 -11.96 26.86
CA PRO A 24 -20.76 -11.28 25.59
C PRO A 24 -21.16 -12.31 24.51
N ALA A 25 -21.66 -11.80 23.38
CA ALA A 25 -22.15 -12.66 22.31
C ALA A 25 -21.57 -12.25 20.96
N ALA A 26 -21.35 -13.27 20.12
CA ALA A 26 -20.75 -13.04 18.80
C ALA A 26 -21.54 -13.74 17.72
N VAL A 27 -21.59 -13.11 16.53
CA VAL A 27 -22.06 -13.76 15.31
C VAL A 27 -20.84 -14.09 14.46
N VAL A 28 -20.73 -15.34 14.02
CA VAL A 28 -19.71 -15.74 13.03
C VAL A 28 -20.42 -16.26 11.79
N THR A 29 -20.18 -15.63 10.63
CA THR A 29 -20.80 -16.11 9.41
C THR A 29 -20.00 -17.26 8.82
N GLY A 30 -20.68 -18.17 8.16
CA GLY A 30 -20.03 -19.32 7.58
C GLY A 30 -19.27 -20.14 8.60
N ALA A 31 -19.88 -20.41 9.74
CA ALA A 31 -19.19 -20.96 10.91
C ALA A 31 -19.32 -22.47 11.11
N ALA A 32 -19.95 -23.16 10.18
CA ALA A 32 -20.14 -24.62 10.37
C ALA A 32 -18.87 -25.42 10.26
N LYS A 33 -17.92 -24.95 9.45
CA LYS A 33 -16.74 -25.73 9.12
C LYS A 33 -15.53 -24.81 9.03
N ARG A 34 -14.36 -25.42 8.95
CA ARG A 34 -13.15 -24.74 8.50
C ARG A 34 -12.80 -23.53 9.38
N ILE A 35 -12.41 -22.43 8.78
CA ILE A 35 -11.95 -21.29 9.57
C ILE A 35 -13.07 -20.68 10.41
N GLY A 36 -14.29 -20.62 9.87
CA GLY A 36 -15.40 -20.09 10.67
C GLY A 36 -15.69 -20.88 11.93
N ARG A 37 -15.65 -22.21 11.81
CA ARG A 37 -15.80 -23.08 12.98
C ARG A 37 -14.68 -22.81 14.00
N ALA A 38 -13.44 -22.67 13.54
CA ALA A 38 -12.33 -22.43 14.46
C ALA A 38 -12.51 -21.11 15.22
N ILE A 39 -12.98 -20.08 14.53
CA ILE A 39 -13.27 -18.78 15.14
C ILE A 39 -14.39 -18.92 16.17
N ALA A 40 -15.48 -19.59 15.79
CA ALA A 40 -16.58 -19.81 16.72
C ALA A 40 -16.14 -20.57 17.98
N VAL A 41 -15.38 -21.63 17.78
CA VAL A 41 -14.86 -22.44 18.89
C VAL A 41 -13.98 -21.61 19.80
N LYS A 42 -13.03 -20.85 19.23
CA LYS A 42 -12.13 -20.07 20.04
CA LYS A 42 -12.12 -20.04 20.03
C LYS A 42 -12.84 -18.92 20.76
N LEU A 43 -13.82 -18.29 20.11
CA LEU A 43 -14.63 -17.29 20.79
C LEU A 43 -15.39 -17.94 21.97
N HIS A 44 -15.97 -19.11 21.73
CA HIS A 44 -16.71 -19.82 22.78
C HIS A 44 -15.78 -20.17 23.95
N GLN A 45 -14.57 -20.63 23.65
CA GLN A 45 -13.56 -20.98 24.68
C GLN A 45 -13.10 -19.76 25.48
N THR A 46 -13.17 -18.58 24.87
CA THR A 46 -12.85 -17.30 25.48
C THR A 46 -13.99 -16.78 26.36
N GLY A 47 -15.17 -17.40 26.22
CA GLY A 47 -16.31 -17.01 27.03
C GLY A 47 -17.48 -16.34 26.31
N TYR A 48 -17.44 -16.31 24.98
CA TYR A 48 -18.56 -15.76 24.22
C TYR A 48 -19.64 -16.80 24.02
N ARG A 49 -20.87 -16.32 23.99
CA ARG A 49 -21.99 -17.05 23.42
C ARG A 49 -21.96 -16.75 21.92
N VAL A 50 -22.31 -17.75 21.11
CA VAL A 50 -22.09 -17.63 19.65
C VAL A 50 -23.31 -18.00 18.82
N VAL A 51 -23.55 -17.22 17.76
CA VAL A 51 -24.45 -17.57 16.67
C VAL A 51 -23.60 -18.16 15.55
N ILE A 52 -23.90 -19.41 15.21
CA ILE A 52 -23.23 -20.14 14.15
CA ILE A 52 -23.25 -20.16 14.15
C ILE A 52 -24.09 -19.96 12.89
N HIS A 53 -23.74 -18.99 12.06
CA HIS A 53 -24.42 -18.85 10.81
C HIS A 53 -23.93 -19.91 9.82
N TYR A 54 -24.85 -20.38 8.97
CA TYR A 54 -24.49 -21.33 7.91
C TYR A 54 -25.48 -21.14 6.75
N HIS A 55 -25.14 -21.73 5.61
CA HIS A 55 -25.97 -21.63 4.42
C HIS A 55 -26.45 -23.04 4.09
N ASN A 56 -25.54 -23.89 3.61
CA ASN A 56 -25.89 -25.26 3.20
C ASN A 56 -25.54 -26.32 4.24
N SER A 57 -24.60 -26.01 5.13
CA SER A 57 -24.01 -27.02 6.03
C SER A 57 -24.77 -27.17 7.36
N ALA A 58 -26.04 -27.57 7.26
CA ALA A 58 -26.95 -27.69 8.40
C ALA A 58 -26.51 -28.71 9.44
N GLU A 59 -26.19 -29.93 9.00
CA GLU A 59 -25.72 -30.98 9.89
C GLU A 59 -24.47 -30.54 10.68
N ALA A 60 -23.48 -29.99 9.98
CA ALA A 60 -22.23 -29.54 10.58
C ALA A 60 -22.50 -28.39 11.55
N ALA A 61 -23.41 -27.48 11.21
CA ALA A 61 -23.74 -26.34 12.11
C ALA A 61 -24.39 -26.80 13.41
N VAL A 62 -25.39 -27.67 13.28
CA VAL A 62 -26.12 -28.21 14.43
C VAL A 62 -25.18 -29.06 15.30
N SER A 63 -24.31 -29.83 14.65
CA SER A 63 -23.31 -30.64 15.38
C SER A 63 -22.38 -29.78 16.23
N LEU A 64 -21.91 -28.67 15.65
CA LEU A 64 -21.07 -27.73 16.37
C LEU A 64 -21.79 -27.08 17.54
N ALA A 65 -23.00 -26.59 17.31
CA ALA A 65 -23.80 -25.98 18.35
C ALA A 65 -24.05 -26.95 19.52
N ASP A 66 -24.35 -28.22 19.18
CA ASP A 66 -24.50 -29.30 20.18
C ASP A 66 -23.23 -29.48 21.02
N GLU A 67 -22.06 -29.54 20.38
CA GLU A 67 -20.79 -29.63 21.11
C GLU A 67 -20.59 -28.46 22.07
N LEU A 68 -20.87 -27.24 21.61
CA LEU A 68 -20.66 -26.06 22.42
C LEU A 68 -21.64 -25.98 23.59
N ASN A 69 -22.90 -26.32 23.33
CA ASN A 69 -23.93 -26.33 24.38
C ASN A 69 -23.69 -27.41 25.45
N LYS A 70 -23.05 -28.52 25.05
CA LYS A 70 -22.64 -29.57 26.00
C LYS A 70 -21.54 -29.08 26.93
N GLU A 71 -20.69 -28.17 26.43
CA GLU A 71 -19.64 -27.58 27.24
C GLU A 71 -20.24 -26.58 28.23
N ARG A 72 -21.14 -25.73 27.74
CA ARG A 72 -21.84 -24.72 28.55
CA ARG A 72 -21.82 -24.71 28.54
C ARG A 72 -23.24 -24.55 27.98
N SER A 73 -24.27 -24.93 28.73
CA SER A 73 -25.64 -24.88 28.20
C SER A 73 -26.11 -23.47 27.79
N ASN A 74 -26.94 -23.42 26.74
CA ASN A 74 -27.53 -22.18 26.19
C ASN A 74 -26.47 -21.14 25.75
N THR A 75 -25.38 -21.62 25.15
CA THR A 75 -24.31 -20.69 24.71
C THR A 75 -24.08 -20.69 23.20
N ALA A 76 -24.82 -21.52 22.46
CA ALA A 76 -24.68 -21.58 21.00
C ALA A 76 -26.04 -21.78 20.35
N VAL A 77 -26.32 -21.02 19.29
CA VAL A 77 -27.47 -21.24 18.41
C VAL A 77 -26.99 -21.23 16.97
N VAL A 78 -27.78 -21.81 16.07
CA VAL A 78 -27.51 -21.70 14.65
C VAL A 78 -28.45 -20.72 13.96
N CYS A 79 -28.05 -20.24 12.79
CA CYS A 79 -28.89 -19.32 12.02
C CYS A 79 -28.60 -19.55 10.54
N GLN A 80 -29.63 -19.94 9.78
CA GLN A 80 -29.45 -20.22 8.36
C GLN A 80 -29.73 -18.98 7.53
N ALA A 81 -28.83 -18.68 6.58
CA ALA A 81 -29.06 -17.60 5.59
C ALA A 81 -28.18 -17.74 4.37
N ASP A 82 -28.78 -17.52 3.19
CA ASP A 82 -28.03 -17.30 1.96
C ASP A 82 -27.53 -15.85 1.98
N LEU A 83 -26.23 -15.67 1.77
CA LEU A 83 -25.66 -14.33 1.73
C LEU A 83 -25.35 -13.84 0.31
N THR A 84 -25.88 -14.54 -0.70
CA THR A 84 -25.85 -14.07 -2.08
C THR A 84 -26.61 -12.75 -2.15
N ASN A 85 -26.12 -11.80 -2.96
CA ASN A 85 -26.84 -10.53 -3.09
C ASN A 85 -28.19 -10.73 -3.77
N SER A 86 -29.18 -10.04 -3.25
CA SER A 86 -30.55 -10.04 -3.81
C SER A 86 -31.28 -8.90 -3.14
N ASN A 87 -32.52 -8.65 -3.57
CA ASN A 87 -33.29 -7.60 -2.91
C ASN A 87 -33.74 -7.95 -1.48
N VAL A 88 -33.60 -9.22 -1.09
CA VAL A 88 -33.89 -9.65 0.30
C VAL A 88 -32.65 -9.77 1.20
N LEU A 89 -31.46 -9.61 0.61
CA LEU A 89 -30.25 -9.72 1.44
C LEU A 89 -30.25 -8.76 2.63
N PRO A 90 -30.71 -7.50 2.49
CA PRO A 90 -30.75 -6.66 3.69
C PRO A 90 -31.58 -7.26 4.83
N ALA A 91 -32.74 -7.82 4.50
CA ALA A 91 -33.57 -8.47 5.52
C ALA A 91 -32.90 -9.69 6.12
N SER A 92 -32.24 -10.50 5.30
CA SER A 92 -31.46 -11.63 5.81
C SER A 92 -30.36 -11.24 6.81
N CYS A 93 -29.64 -10.18 6.46
CA CYS A 93 -28.56 -9.69 7.33
C CYS A 93 -29.10 -9.10 8.63
N GLU A 94 -30.23 -8.36 8.54
CA GLU A 94 -30.91 -7.87 9.72
C GLU A 94 -31.33 -9.04 10.61
N GLU A 95 -31.84 -10.10 10.00
CA GLU A 95 -32.25 -11.28 10.76
C GLU A 95 -31.12 -12.01 11.47
N ILE A 96 -29.95 -12.12 10.84
CA ILE A 96 -28.79 -12.75 11.48
C ILE A 96 -28.45 -11.99 12.78
N ILE A 97 -28.40 -10.67 12.68
CA ILE A 97 -28.10 -9.85 13.87
C ILE A 97 -29.22 -10.00 14.90
N ASN A 98 -30.47 -9.92 14.43
CA ASN A 98 -31.62 -10.10 15.34
C ASN A 98 -31.58 -11.42 16.07
N SER A 99 -31.09 -12.47 15.42
CA SER A 99 -31.02 -13.80 16.02
CA SER A 99 -31.01 -13.82 16.01
C SER A 99 -30.07 -13.84 17.22
N CYS A 100 -29.02 -13.00 17.17
CA CYS A 100 -28.11 -12.91 18.27
C CYS A 100 -28.79 -12.21 19.46
N PHE A 101 -29.49 -11.11 19.19
CA PHE A 101 -30.27 -10.46 20.25
C PHE A 101 -31.39 -11.34 20.82
N ARG A 102 -32.07 -12.10 19.97
CA ARG A 102 -33.13 -13.01 20.42
CA ARG A 102 -33.14 -13.02 20.39
C ARG A 102 -32.60 -14.08 21.36
N ALA A 103 -31.48 -14.69 21.00
CA ALA A 103 -30.88 -15.77 21.78
C ALA A 103 -30.23 -15.28 23.04
N PHE A 104 -29.50 -14.15 22.96
CA PHE A 104 -28.56 -13.77 24.02
C PHE A 104 -28.73 -12.39 24.59
N GLY A 105 -29.59 -11.57 24.00
CA GLY A 105 -29.92 -10.23 24.51
C GLY A 105 -28.92 -9.14 24.19
N ARG A 106 -27.90 -9.47 23.40
CA ARG A 106 -26.82 -8.53 23.07
C ARG A 106 -26.06 -9.09 21.88
N CYS A 107 -25.25 -8.24 21.24
CA CYS A 107 -24.40 -8.68 20.14
C CYS A 107 -23.17 -7.79 20.18
N ASP A 108 -22.07 -8.37 20.66
CA ASP A 108 -20.82 -7.65 20.91
C ASP A 108 -19.82 -7.69 19.76
N VAL A 109 -19.81 -8.81 19.03
CA VAL A 109 -18.81 -9.06 18.01
C VAL A 109 -19.50 -9.64 16.78
N LEU A 110 -19.10 -9.14 15.61
CA LEU A 110 -19.50 -9.70 14.33
C LEU A 110 -18.23 -10.13 13.59
N VAL A 111 -18.19 -11.38 13.18
CA VAL A 111 -17.07 -11.86 12.35
C VAL A 111 -17.61 -12.17 10.94
N ASN A 112 -17.17 -11.42 9.94
CA ASN A 112 -17.57 -11.66 8.55
C ASN A 112 -16.58 -12.62 7.91
N ASN A 113 -16.94 -13.89 7.98
CA ASN A 113 -16.08 -14.99 7.52
C ASN A 113 -16.60 -15.67 6.26
N ALA A 114 -17.91 -15.76 6.06
CA ALA A 114 -18.49 -16.47 4.92
C ALA A 114 -17.97 -15.93 3.60
N SER A 115 -17.73 -16.82 2.63
CA SER A 115 -17.14 -16.40 1.38
C SER A 115 -17.36 -17.41 0.27
N ALA A 116 -17.78 -16.91 -0.87
CA ALA A 116 -17.74 -17.70 -2.10
C ALA A 116 -16.39 -17.51 -2.79
N PHE A 117 -15.85 -18.56 -3.43
CA PHE A 117 -14.51 -18.51 -4.01
C PHE A 117 -14.45 -19.47 -5.19
N TYR A 118 -14.39 -18.92 -6.40
CA TYR A 118 -14.27 -19.72 -7.63
C TYR A 118 -13.86 -18.79 -8.76
N PRO A 119 -13.27 -19.35 -9.84
CA PRO A 119 -12.81 -18.48 -10.93
C PRO A 119 -13.93 -17.93 -11.79
N THR A 120 -13.67 -16.75 -12.33
CA THR A 120 -14.55 -16.05 -13.26
C THR A 120 -13.68 -15.48 -14.38
N PRO A 121 -13.26 -16.33 -15.34
CA PRO A 121 -12.35 -15.85 -16.41
C PRO A 121 -12.96 -14.73 -17.24
N LEU A 122 -12.12 -13.77 -17.60
CA LEU A 122 -12.55 -12.65 -18.43
C LEU A 122 -12.72 -13.05 -19.90
N VAL A 123 -11.95 -14.05 -20.34
CA VAL A 123 -12.04 -14.51 -21.74
C VAL A 123 -12.48 -15.96 -21.71
N GLN A 124 -13.50 -16.27 -22.52
CA GLN A 124 -14.07 -17.62 -22.64
C GLN A 124 -13.43 -18.39 -23.80
N GLY A 133 -22.38 -23.17 -16.20
CA GLY A 133 -23.55 -23.27 -15.33
C GLY A 133 -24.16 -21.92 -15.02
N LYS A 134 -23.49 -21.18 -14.14
CA LYS A 134 -24.04 -19.92 -13.61
C LYS A 134 -23.93 -18.78 -14.62
N THR A 135 -24.94 -17.93 -14.63
CA THR A 135 -24.88 -16.68 -15.39
C THR A 135 -23.86 -15.76 -14.69
N VAL A 136 -23.32 -14.83 -15.46
CA VAL A 136 -22.37 -13.84 -14.91
C VAL A 136 -23.07 -13.04 -13.78
N GLU A 137 -24.34 -12.69 -13.93
CA GLU A 137 -25.01 -11.95 -12.87
C GLU A 137 -25.17 -12.76 -11.57
N THR A 138 -25.37 -14.08 -11.68
CA THR A 138 -25.32 -14.97 -10.52
C THR A 138 -23.91 -14.97 -9.87
N GLN A 139 -22.86 -15.03 -10.69
CA GLN A 139 -21.48 -15.00 -10.17
C GLN A 139 -21.23 -13.69 -9.44
N VAL A 140 -21.71 -12.59 -10.00
CA VAL A 140 -21.59 -11.30 -9.34
C VAL A 140 -22.32 -11.32 -8.00
N ALA A 141 -23.56 -11.79 -8.00
CA ALA A 141 -24.34 -11.81 -6.79
C ALA A 141 -23.68 -12.67 -5.70
N GLU A 142 -23.11 -13.82 -6.07
CA GLU A 142 -22.48 -14.69 -5.09
C GLU A 142 -21.13 -14.16 -4.61
N LEU A 143 -20.25 -13.81 -5.56
CA LEU A 143 -18.88 -13.44 -5.19
C LEU A 143 -18.86 -12.06 -4.54
N ILE A 144 -19.56 -11.09 -5.11
CA ILE A 144 -19.59 -9.76 -4.52
C ILE A 144 -20.56 -9.70 -3.32
N GLY A 145 -21.66 -10.45 -3.39
CA GLY A 145 -22.61 -10.54 -2.26
C GLY A 145 -21.97 -11.10 -1.00
N THR A 146 -21.41 -12.30 -1.08
CA THR A 146 -20.91 -12.92 0.12
C THR A 146 -19.69 -12.20 0.65
N ASN A 147 -18.80 -11.77 -0.26
CA ASN A 147 -17.51 -11.22 0.19
C ASN A 147 -17.55 -9.77 0.56
N ALA A 148 -18.58 -9.07 0.12
CA ALA A 148 -18.59 -7.62 0.32
C ALA A 148 -19.94 -7.03 0.72
N ILE A 149 -21.01 -7.34 -0.03
CA ILE A 149 -22.26 -6.67 0.28
CA ILE A 149 -22.30 -6.70 0.23
C ILE A 149 -22.86 -7.20 1.58
N ALA A 150 -22.83 -8.50 1.79
CA ALA A 150 -23.36 -9.06 3.06
C ALA A 150 -22.57 -8.49 4.25
N PRO A 151 -21.20 -8.45 4.19
CA PRO A 151 -20.49 -7.78 5.29
C PRO A 151 -20.94 -6.34 5.51
N PHE A 152 -21.19 -5.60 4.42
CA PHE A 152 -21.69 -4.22 4.53
C PHE A 152 -23.05 -4.17 5.25
N LEU A 153 -23.98 -5.04 4.83
CA LEU A 153 -25.34 -4.99 5.39
C LEU A 153 -25.35 -5.51 6.84
N LEU A 154 -24.53 -6.52 7.12
CA LEU A 154 -24.35 -7.00 8.49
C LEU A 154 -23.76 -5.94 9.40
N THR A 155 -22.81 -5.16 8.85
CA THR A 155 -22.20 -4.05 9.58
C THR A 155 -23.24 -2.99 9.91
N MET A 156 -24.06 -2.65 8.91
CA MET A 156 -25.17 -1.69 9.13
CA MET A 156 -25.16 -1.70 9.13
C MET A 156 -26.12 -2.20 10.23
N SER A 157 -26.56 -3.45 10.14
CA SER A 157 -27.51 -3.99 11.13
C SER A 157 -26.89 -4.09 12.52
N PHE A 158 -25.61 -4.48 12.58
CA PHE A 158 -24.90 -4.59 13.86
C PHE A 158 -24.84 -3.21 14.52
N ALA A 159 -24.46 -2.18 13.76
CA ALA A 159 -24.34 -0.84 14.31
C ALA A 159 -25.69 -0.28 14.72
N GLN A 160 -26.71 -0.51 13.91
CA GLN A 160 -28.03 0.07 14.19
C GLN A 160 -28.71 -0.55 15.40
N ARG A 161 -28.43 -1.82 15.65
CA ARG A 161 -28.98 -2.54 16.81
C ARG A 161 -28.36 -2.17 18.15
N GLN A 162 -27.24 -1.45 18.15
CA GLN A 162 -26.55 -1.05 19.39
C GLN A 162 -27.25 0.13 20.08
N SER A 172 -18.11 -2.11 27.85
CA SER A 172 -18.36 -2.80 26.58
C SER A 172 -17.14 -2.76 25.64
N ASN A 173 -17.07 -3.75 24.75
CA ASN A 173 -15.98 -3.86 23.80
C ASN A 173 -16.55 -4.41 22.49
N LEU A 174 -17.15 -3.52 21.72
CA LEU A 174 -17.81 -3.89 20.45
C LEU A 174 -16.83 -3.86 19.29
N SER A 175 -16.82 -4.94 18.51
CA SER A 175 -15.99 -4.90 17.29
C SER A 175 -16.47 -5.85 16.21
N ILE A 176 -16.00 -5.53 15.01
CA ILE A 176 -16.25 -6.31 13.80
C ILE A 176 -14.89 -6.76 13.28
N VAL A 177 -14.80 -8.01 12.85
CA VAL A 177 -13.58 -8.53 12.19
C VAL A 177 -13.97 -9.11 10.86
N ASN A 178 -13.34 -8.61 9.80
CA ASN A 178 -13.58 -9.06 8.41
C ASN A 178 -12.47 -9.99 7.97
N LEU A 179 -12.82 -11.13 7.42
CA LEU A 179 -11.80 -12.05 6.88
C LEU A 179 -11.47 -11.63 5.46
N CYS A 180 -10.25 -11.15 5.33
CA CYS A 180 -9.74 -10.55 4.11
C CYS A 180 -8.85 -11.57 3.37
N ASP A 181 -7.85 -11.11 2.64
CA ASP A 181 -7.02 -12.04 1.83
C ASP A 181 -5.67 -11.34 1.68
N ALA A 182 -4.61 -11.97 2.21
CA ALA A 182 -3.26 -11.37 2.11
C ALA A 182 -2.74 -11.22 0.68
N MET A 183 -3.30 -11.98 -0.25
CA MET A 183 -2.82 -11.99 -1.64
C MET A 183 -3.65 -11.13 -2.58
N VAL A 184 -4.43 -10.22 -1.99
CA VAL A 184 -5.32 -9.30 -2.72
C VAL A 184 -4.60 -8.50 -3.85
N ASP A 185 -3.33 -8.16 -3.64
CA ASP A 185 -2.54 -7.43 -4.65
C ASP A 185 -1.65 -8.30 -5.54
N GLN A 186 -1.67 -9.61 -5.32
CA GLN A 186 -0.96 -10.55 -6.19
C GLN A 186 -1.94 -11.67 -6.50
N PRO A 187 -3.01 -11.34 -7.25
CA PRO A 187 -4.16 -12.25 -7.30
C PRO A 187 -3.97 -13.54 -8.10
N CSX A 188 -4.81 -14.53 -7.79
CA CSX A 188 -4.91 -15.75 -8.59
CB CSX A 188 -5.91 -16.75 -7.98
SG CSX A 188 -5.36 -17.42 -6.50
C CSX A 188 -5.43 -15.38 -9.96
O CSX A 188 -6.37 -14.58 -10.11
OD CSX A 188 -4.29 -18.38 -6.90
N MET A 189 -4.81 -15.96 -10.98
CA MET A 189 -5.23 -15.81 -12.35
C MET A 189 -6.69 -16.20 -12.55
N ALA A 190 -7.46 -15.35 -13.21
CA ALA A 190 -8.89 -15.61 -13.56
C ALA A 190 -9.90 -15.55 -12.40
N PHE A 191 -9.49 -14.91 -11.30
CA PHE A 191 -10.37 -14.73 -10.13
C PHE A 191 -10.77 -13.26 -9.96
N SER A 192 -11.08 -12.55 -11.03
CA SER A 192 -11.35 -11.11 -10.92
CA SER A 192 -11.41 -11.11 -10.98
C SER A 192 -12.51 -10.78 -10.00
N LEU A 193 -13.63 -11.48 -10.09
CA LEU A 193 -14.77 -11.11 -9.22
C LEU A 193 -14.48 -11.37 -7.76
N TYR A 194 -13.84 -12.49 -7.46
CA TYR A 194 -13.44 -12.78 -6.09
C TYR A 194 -12.52 -11.67 -5.59
N ASN A 195 -11.53 -11.29 -6.39
N ASN A 195 -11.51 -11.29 -6.38
CA ASN A 195 -10.54 -10.30 -5.97
CA ASN A 195 -10.58 -10.26 -5.97
C ASN A 195 -11.17 -8.90 -5.85
C ASN A 195 -11.26 -8.93 -5.77
N MET A 196 -12.16 -8.59 -6.69
CA MET A 196 -12.92 -7.34 -6.55
C MET A 196 -13.68 -7.34 -5.23
N GLY A 197 -14.29 -8.46 -4.88
CA GLY A 197 -15.03 -8.56 -3.63
C GLY A 197 -14.13 -8.39 -2.41
N LYS A 198 -12.97 -9.04 -2.39
CA LYS A 198 -12.06 -8.87 -1.26
C LYS A 198 -11.46 -7.48 -1.21
N HIS A 199 -11.17 -6.84 -2.35
CA HIS A 199 -10.75 -5.43 -2.29
C HIS A 199 -11.86 -4.57 -1.71
N ALA A 200 -13.10 -4.83 -2.12
CA ALA A 200 -14.22 -4.05 -1.58
C ALA A 200 -14.31 -4.26 -0.07
N LEU A 201 -14.01 -5.45 0.42
CA LEU A 201 -14.03 -5.71 1.86
C LEU A 201 -12.96 -4.91 2.58
N VAL A 202 -11.79 -4.68 1.96
CA VAL A 202 -10.78 -3.79 2.55
C VAL A 202 -11.37 -2.38 2.68
N GLY A 203 -12.02 -1.91 1.61
CA GLY A 203 -12.65 -0.59 1.65
C GLY A 203 -13.70 -0.51 2.73
N LEU A 204 -14.53 -1.54 2.88
CA LEU A 204 -15.51 -1.56 3.97
C LEU A 204 -14.84 -1.49 5.33
N THR A 205 -13.79 -2.27 5.52
CA THR A 205 -13.08 -2.29 6.80
C THR A 205 -12.62 -0.88 7.19
N GLN A 206 -12.03 -0.19 6.22
CA GLN A 206 -11.52 1.16 6.48
C GLN A 206 -12.64 2.19 6.64
N SER A 207 -13.63 2.17 5.75
CA SER A 207 -14.74 3.10 5.83
C SER A 207 -15.56 2.92 7.10
N ALA A 208 -15.84 1.67 7.45
CA ALA A 208 -16.63 1.40 8.67
C ALA A 208 -15.83 1.71 9.92
N ALA A 209 -14.52 1.47 9.90
CA ALA A 209 -13.72 1.84 11.08
C ALA A 209 -13.85 3.34 11.33
N LEU A 210 -13.73 4.12 10.27
CA LEU A 210 -13.80 5.58 10.38
C LEU A 210 -15.18 5.99 10.90
N GLU A 211 -16.23 5.46 10.27
CA GLU A 211 -17.60 5.94 10.57
C GLU A 211 -18.13 5.45 11.94
N LEU A 212 -17.71 4.27 12.35
CA LEU A 212 -18.23 3.67 13.59
C LEU A 212 -17.38 3.95 14.81
N ALA A 213 -16.18 4.50 14.59
CA ALA A 213 -15.31 4.88 15.73
C ALA A 213 -16.02 5.76 16.77
N PRO A 214 -16.79 6.79 16.33
CA PRO A 214 -17.51 7.59 17.37
C PRO A 214 -18.47 6.79 18.26
N TYR A 215 -18.97 5.64 17.77
CA TYR A 215 -19.88 4.76 18.50
C TYR A 215 -19.13 3.71 19.33
N GLY A 216 -17.80 3.72 19.25
CA GLY A 216 -16.97 2.82 20.01
C GLY A 216 -16.90 1.42 19.41
N ILE A 217 -17.28 1.31 18.14
CA ILE A 217 -17.22 0.01 17.44
C ILE A 217 -15.93 0.01 16.62
N ARG A 218 -15.06 -0.94 16.96
CA ARG A 218 -13.80 -1.12 16.20
C ARG A 218 -14.04 -2.06 15.01
N VAL A 219 -13.36 -1.78 13.89
CA VAL A 219 -13.52 -2.60 12.70
C VAL A 219 -12.14 -2.92 12.15
N ASN A 220 -11.84 -4.21 12.06
CA ASN A 220 -10.51 -4.67 11.68
C ASN A 220 -10.63 -5.86 10.78
N GLY A 221 -9.48 -6.29 10.26
CA GLY A 221 -9.44 -7.43 9.35
C GLY A 221 -8.33 -8.39 9.70
N VAL A 222 -8.53 -9.65 9.32
CA VAL A 222 -7.50 -10.69 9.36
C VAL A 222 -7.36 -11.23 7.96
N ALA A 223 -6.13 -11.22 7.44
CA ALA A 223 -5.88 -11.58 6.03
C ALA A 223 -5.03 -12.85 5.94
N PRO A 224 -5.67 -14.01 5.81
CA PRO A 224 -4.85 -15.24 5.61
C PRO A 224 -4.15 -15.23 4.27
N GLY A 225 -3.04 -15.95 4.20
CA GLY A 225 -2.40 -16.25 2.91
C GLY A 225 -2.96 -17.58 2.41
N VAL A 226 -2.23 -18.66 2.63
CA VAL A 226 -2.85 -19.97 2.45
C VAL A 226 -3.07 -20.58 3.81
N SER A 227 -4.31 -20.95 4.04
CA SER A 227 -4.68 -21.65 5.24
C SER A 227 -5.30 -22.92 4.73
N LEU A 228 -6.43 -23.33 5.28
CA LEU A 228 -7.02 -24.63 4.90
C LEU A 228 -7.24 -24.65 3.41
N LEU A 229 -6.55 -25.58 2.74
CA LEU A 229 -6.66 -25.69 1.32
C LEU A 229 -8.04 -26.24 0.95
N PRO A 230 -8.53 -25.93 -0.27
CA PRO A 230 -9.83 -26.45 -0.69
C PRO A 230 -9.94 -27.98 -0.54
N VAL A 231 -11.13 -28.45 -0.13
CA VAL A 231 -11.38 -29.89 0.08
C VAL A 231 -11.15 -30.73 -1.19
N ALA A 232 -11.52 -30.15 -2.34
CA ALA A 232 -11.39 -30.82 -3.63
C ALA A 232 -9.95 -30.85 -4.18
N MET A 233 -9.07 -30.02 -3.62
CA MET A 233 -7.67 -29.95 -4.07
C MET A 233 -6.91 -31.24 -3.73
N GLY A 234 -6.20 -31.79 -4.71
CA GLY A 234 -5.37 -32.99 -4.49
C GLY A 234 -4.09 -32.63 -3.75
N GLU A 235 -3.45 -33.64 -3.13
CA GLU A 235 -2.28 -33.40 -2.29
C GLU A 235 -1.10 -32.78 -3.02
N GLU A 236 -0.86 -33.23 -4.25
CA GLU A 236 0.23 -32.70 -5.07
C GLU A 236 0.10 -31.18 -5.23
N GLU A 237 -1.12 -30.71 -5.52
CA GLU A 237 -1.39 -29.29 -5.69
C GLU A 237 -1.26 -28.54 -4.35
N LYS A 238 -1.78 -29.13 -3.27
CA LYS A 238 -1.55 -28.59 -1.91
C LYS A 238 -0.08 -28.38 -1.60
N ASP A 239 0.76 -29.37 -1.90
CA ASP A 239 2.18 -29.25 -1.66
C ASP A 239 2.88 -28.15 -2.47
N LYS A 240 2.40 -27.92 -3.70
CA LYS A 240 2.90 -26.81 -4.53
C LYS A 240 2.73 -25.49 -3.77
N TRP A 241 1.56 -25.30 -3.16
CA TRP A 241 1.27 -24.08 -2.39
C TRP A 241 2.05 -24.01 -1.08
N ARG A 242 2.10 -25.14 -0.36
CA ARG A 242 2.86 -25.19 0.89
C ARG A 242 4.30 -24.77 0.72
N ARG A 243 4.95 -25.23 -0.36
CA ARG A 243 6.35 -24.96 -0.62
C ARG A 243 6.67 -23.48 -0.87
N LYS A 244 5.65 -22.68 -1.13
CA LYS A 244 5.83 -21.25 -1.38
C LYS A 244 5.94 -20.46 -0.07
N VAL A 245 5.53 -21.03 1.05
CA VAL A 245 5.41 -20.26 2.31
C VAL A 245 6.75 -20.20 3.02
N PRO A 246 7.36 -19.00 3.15
CA PRO A 246 8.67 -18.92 3.81
C PRO A 246 8.70 -19.50 5.23
N LEU A 247 7.69 -19.19 6.05
CA LEU A 247 7.68 -19.62 7.44
C LEU A 247 7.08 -21.03 7.57
N GLY A 248 7.97 -22.02 7.44
CA GLY A 248 7.63 -23.41 7.73
C GLY A 248 7.12 -24.21 6.54
N ARG A 249 7.00 -23.60 5.37
CA ARG A 249 6.57 -24.31 4.14
C ARG A 249 5.30 -25.11 4.39
N ARG A 250 4.34 -24.46 5.03
CA ARG A 250 3.06 -25.07 5.36
C ARG A 250 2.00 -24.01 5.44
N GLU A 251 0.76 -24.41 5.23
CA GLU A 251 -0.39 -23.51 5.35
C GLU A 251 -0.70 -23.20 6.81
N ALA A 252 -1.40 -22.08 7.04
CA ALA A 252 -1.88 -21.75 8.36
C ALA A 252 -2.92 -22.76 8.82
N SER A 253 -2.85 -23.13 10.09
CA SER A 253 -3.96 -23.88 10.67
C SER A 253 -5.14 -22.93 10.88
N ALA A 254 -6.34 -23.50 10.94
CA ALA A 254 -7.52 -22.70 11.24
C ALA A 254 -7.35 -21.99 12.58
N GLU A 255 -6.75 -22.67 13.56
CA GLU A 255 -6.54 -22.07 14.86
C GLU A 255 -5.62 -20.85 14.81
N GLN A 256 -4.60 -20.89 13.96
CA GLN A 256 -3.72 -19.71 13.78
C GLN A 256 -4.47 -18.48 13.27
N ILE A 257 -5.38 -18.69 12.32
CA ILE A 257 -6.22 -17.58 11.84
C ILE A 257 -7.11 -17.09 12.97
N ALA A 258 -7.78 -18.01 13.69
CA ALA A 258 -8.66 -17.65 14.80
C ALA A 258 -7.94 -16.88 15.90
N ASP A 259 -6.67 -17.21 16.14
CA ASP A 259 -5.88 -16.50 17.15
C ASP A 259 -5.80 -15.00 16.85
N ALA A 260 -5.70 -14.64 15.57
CA ALA A 260 -5.63 -13.23 15.24
C ALA A 260 -6.98 -12.54 15.43
N VAL A 261 -8.07 -13.25 15.12
CA VAL A 261 -9.43 -12.74 15.39
C VAL A 261 -9.61 -12.51 16.89
N ILE A 262 -9.22 -13.48 17.72
CA ILE A 262 -9.31 -13.39 19.17
C ILE A 262 -8.55 -12.17 19.68
N PHE A 263 -7.35 -11.94 19.15
CA PHE A 263 -6.61 -10.74 19.55
C PHE A 263 -7.38 -9.47 19.22
N LEU A 264 -7.91 -9.36 18.00
CA LEU A 264 -8.57 -8.13 17.59
C LEU A 264 -9.84 -7.84 18.35
N VAL A 265 -10.53 -8.87 18.85
CA VAL A 265 -11.74 -8.61 19.64
C VAL A 265 -11.43 -8.35 21.11
N SER A 266 -10.22 -8.67 21.52
CA SER A 266 -9.82 -8.61 22.93
C SER A 266 -9.55 -7.17 23.43
N GLY A 267 -9.43 -7.05 24.76
CA GLY A 267 -9.03 -5.78 25.38
C GLY A 267 -7.60 -5.37 25.01
N SER A 268 -6.78 -6.31 24.55
CA SER A 268 -5.42 -5.99 24.13
C SER A 268 -5.36 -5.27 22.77
N ALA A 269 -6.52 -5.07 22.12
CA ALA A 269 -6.61 -4.36 20.83
C ALA A 269 -7.55 -3.16 20.89
N GLN A 270 -7.75 -2.63 22.10
CA GLN A 270 -8.74 -1.58 22.32
C GLN A 270 -8.50 -0.26 21.56
N TYR A 271 -7.28 -0.01 21.09
CA TYR A 271 -6.97 1.21 20.32
C TYR A 271 -6.81 0.90 18.83
N ILE A 272 -7.01 -0.38 18.46
CA ILE A 272 -6.81 -0.81 17.07
C ILE A 272 -8.12 -0.78 16.30
N THR A 273 -8.15 0.04 15.26
CA THR A 273 -9.29 0.05 14.34
C THR A 273 -8.80 0.43 12.96
N GLY A 274 -9.41 -0.21 11.96
CA GLY A 274 -9.01 0.00 10.58
C GLY A 274 -7.76 -0.76 10.17
N SER A 275 -7.28 -1.68 11.01
CA SER A 275 -6.06 -2.47 10.73
C SER A 275 -6.41 -3.82 10.17
N ILE A 276 -5.60 -4.26 9.22
CA ILE A 276 -5.76 -5.60 8.65
C ILE A 276 -4.48 -6.32 8.94
N ILE A 277 -4.57 -7.38 9.74
CA ILE A 277 -3.40 -8.18 10.16
C ILE A 277 -3.23 -9.34 9.18
N LYS A 278 -2.11 -9.36 8.45
CA LYS A 278 -1.79 -10.54 7.61
C LYS A 278 -1.36 -11.67 8.51
N VAL A 279 -1.88 -12.85 8.19
CA VAL A 279 -1.50 -14.09 8.86
C VAL A 279 -1.14 -15.08 7.76
N ASP A 280 0.05 -14.86 7.19
CA ASP A 280 0.39 -15.50 5.93
C ASP A 280 1.76 -16.17 5.86
N GLY A 281 2.49 -16.23 6.97
CA GLY A 281 3.80 -16.94 6.96
C GLY A 281 4.80 -16.31 6.01
N GLY A 282 4.59 -15.03 5.66
CA GLY A 282 5.48 -14.34 4.71
C GLY A 282 5.13 -14.52 3.23
N LEU A 283 4.04 -15.24 2.93
CA LEU A 283 3.72 -15.58 1.53
C LEU A 283 3.65 -14.37 0.60
N SER A 284 3.01 -13.30 1.10
CA SER A 284 2.82 -12.10 0.27
C SER A 284 4.10 -11.34 -0.01
N LEU A 285 5.19 -11.70 0.67
CA LEU A 285 6.49 -11.06 0.42
C LEU A 285 7.31 -11.77 -0.64
N VAL A 286 6.83 -12.91 -1.14
CA VAL A 286 7.65 -13.74 -2.03
C VAL A 286 7.39 -13.32 -3.47
N HIS A 287 8.44 -12.87 -4.15
CA HIS A 287 8.31 -12.51 -5.57
C HIS A 287 8.05 -13.74 -6.48
N ALA A 288 7.60 -13.45 -7.70
CA ALA A 288 7.36 -14.46 -8.73
C ALA A 288 8.59 -15.31 -9.00
N GLU B 22 13.96 -22.74 31.17
CA GLU B 22 14.21 -21.39 31.74
C GLU B 22 13.31 -20.32 31.08
N ALA B 23 13.32 -19.12 31.67
CA ALA B 23 12.55 -17.99 31.15
C ALA B 23 13.20 -17.46 29.86
N PRO B 24 12.37 -17.06 28.87
CA PRO B 24 12.99 -16.45 27.69
C PRO B 24 13.55 -15.05 28.02
N ALA B 25 14.31 -14.47 27.09
CA ALA B 25 14.92 -13.16 27.30
C ALA B 25 14.70 -12.25 26.10
N ALA B 26 14.58 -10.96 26.38
CA ALA B 26 14.31 -9.97 25.33
C ALA B 26 15.25 -8.78 25.47
N VAL B 27 15.63 -8.21 24.33
CA VAL B 27 16.31 -6.90 24.28
C VAL B 27 15.27 -5.89 23.82
N VAL B 28 15.16 -4.77 24.55
CA VAL B 28 14.32 -3.66 24.12
C VAL B 28 15.20 -2.43 24.03
N THR B 29 15.28 -1.84 22.83
CA THR B 29 16.07 -0.60 22.71
C THR B 29 15.26 0.63 23.10
N GLY B 30 15.97 1.63 23.62
CA GLY B 30 15.30 2.88 24.10
C GLY B 30 14.25 2.56 25.16
N ALA B 31 14.60 1.70 26.12
CA ALA B 31 13.66 1.15 27.09
C ALA B 31 13.53 1.90 28.41
N ALA B 32 14.24 3.00 28.57
CA ALA B 32 14.22 3.69 29.88
C ALA B 32 12.92 4.43 30.13
N LYS B 33 12.29 4.92 29.06
CA LYS B 33 11.15 5.82 29.18
C LYS B 33 10.06 5.47 28.17
N ARG B 34 8.84 5.96 28.47
CA ARG B 34 7.78 6.07 27.48
C ARG B 34 7.44 4.69 26.87
N ILE B 35 7.37 4.58 25.55
CA ILE B 35 6.88 3.32 24.96
C ILE B 35 7.81 2.14 25.23
N GLY B 36 9.13 2.35 25.07
CA GLY B 36 10.08 1.28 25.34
C GLY B 36 10.01 0.75 26.76
N ARG B 37 9.81 1.66 27.73
CA ARG B 37 9.63 1.27 29.13
C ARG B 37 8.39 0.37 29.30
N ALA B 38 7.27 0.75 28.68
CA ALA B 38 6.04 -0.04 28.81
C ALA B 38 6.19 -1.40 28.15
N ILE B 39 6.91 -1.44 27.02
CA ILE B 39 7.23 -2.73 26.40
C ILE B 39 8.07 -3.64 27.31
N ALA B 40 9.13 -3.07 27.90
CA ALA B 40 9.97 -3.83 28.78
C ALA B 40 9.17 -4.36 30.00
N VAL B 41 8.32 -3.51 30.60
CA VAL B 41 7.48 -3.92 31.75
C VAL B 41 6.54 -5.04 31.36
N LYS B 42 5.84 -4.90 30.21
CA LYS B 42 4.90 -5.94 29.82
C LYS B 42 5.58 -7.26 29.45
N LEU B 43 6.75 -7.18 28.81
CA LEU B 43 7.49 -8.39 28.52
C LEU B 43 7.88 -9.06 29.85
N HIS B 44 8.33 -8.26 30.80
CA HIS B 44 8.72 -8.81 32.09
C HIS B 44 7.52 -9.47 32.80
N GLN B 45 6.36 -8.82 32.74
CA GLN B 45 5.12 -9.37 33.34
C GLN B 45 4.68 -10.69 32.68
N THR B 46 5.02 -10.87 31.40
CA THR B 46 4.70 -12.05 30.61
C THR B 46 5.68 -13.17 30.92
N GLY B 47 6.79 -12.83 31.57
CA GLY B 47 7.78 -13.84 31.98
C GLY B 47 9.15 -13.75 31.34
N TYR B 48 9.43 -12.67 30.60
CA TYR B 48 10.73 -12.49 29.99
C TYR B 48 11.72 -11.85 30.95
N ARG B 49 12.97 -12.26 30.84
CA ARG B 49 14.08 -11.48 31.37
C ARG B 49 14.40 -10.43 30.32
N VAL B 50 14.84 -9.23 30.75
CA VAL B 50 14.98 -8.13 29.82
CA VAL B 50 14.94 -8.09 29.85
C VAL B 50 16.30 -7.39 29.91
N VAL B 51 16.84 -7.05 28.73
CA VAL B 51 17.94 -6.07 28.61
C VAL B 51 17.30 -4.73 28.28
N ILE B 52 17.50 -3.76 29.17
CA ILE B 52 16.97 -2.41 29.05
C ILE B 52 18.07 -1.59 28.38
N HIS B 53 18.02 -1.41 27.06
CA HIS B 53 18.97 -0.55 26.41
C HIS B 53 18.56 0.93 26.60
N TYR B 54 19.55 1.81 26.75
CA TYR B 54 19.32 3.24 26.87
C TYR B 54 20.53 3.97 26.29
N HIS B 55 20.35 5.27 26.06
CA HIS B 55 21.43 6.12 25.57
C HIS B 55 21.81 7.16 26.63
N ASN B 56 20.94 8.14 26.86
CA ASN B 56 21.21 9.19 27.84
C ASN B 56 20.51 8.99 29.17
N SER B 57 19.45 8.19 29.20
CA SER B 57 18.59 8.14 30.39
C SER B 57 19.02 7.06 31.40
N ALA B 58 20.23 7.21 31.94
CA ALA B 58 20.80 6.20 32.85
C ALA B 58 20.02 6.03 34.15
N GLU B 59 19.65 7.15 34.78
CA GLU B 59 18.86 7.07 36.01
C GLU B 59 17.54 6.34 35.82
N ALA B 60 16.81 6.69 34.75
CA ALA B 60 15.57 6.02 34.46
C ALA B 60 15.73 4.53 34.10
N ALA B 61 16.79 4.20 33.36
CA ALA B 61 17.05 2.79 33.01
C ALA B 61 17.34 1.94 34.24
N VAL B 62 18.22 2.46 35.10
CA VAL B 62 18.55 1.80 36.34
C VAL B 62 17.34 1.68 37.27
N SER B 63 16.52 2.73 37.39
CA SER B 63 15.30 2.64 38.21
CA SER B 63 15.29 2.66 38.20
C SER B 63 14.36 1.55 37.71
N LEU B 64 14.23 1.43 36.38
CA LEU B 64 13.39 0.38 35.84
C LEU B 64 13.98 -1.00 36.16
N ALA B 65 15.29 -1.16 35.96
CA ALA B 65 15.93 -2.45 36.25
C ALA B 65 15.75 -2.83 37.72
N ASP B 66 15.92 -1.85 38.61
CA ASP B 66 15.79 -2.10 40.05
C ASP B 66 14.34 -2.52 40.39
N GLU B 67 13.34 -1.86 39.80
CA GLU B 67 11.92 -2.22 39.99
C GLU B 67 11.65 -3.67 39.52
N LEU B 68 12.16 -4.03 38.34
CA LEU B 68 11.94 -5.36 37.78
C LEU B 68 12.66 -6.46 38.57
N ASN B 69 13.88 -6.16 39.02
CA ASN B 69 14.62 -7.09 39.87
C ASN B 69 14.04 -7.27 41.26
N LYS B 70 13.40 -6.23 41.79
CA LYS B 70 12.63 -6.34 43.03
C LYS B 70 11.46 -7.30 42.85
N GLU B 71 10.80 -7.23 41.68
CA GLU B 71 9.71 -8.16 41.37
C GLU B 71 10.22 -9.59 41.24
N ARG B 72 11.34 -9.80 40.54
CA ARG B 72 11.98 -11.13 40.38
CA ARG B 72 11.98 -11.11 40.46
C ARG B 72 13.47 -10.94 40.23
N SER B 73 14.27 -11.46 41.17
CA SER B 73 15.72 -11.28 41.12
C SER B 73 16.35 -11.78 39.85
N ASN B 74 17.38 -11.05 39.38
CA ASN B 74 18.21 -11.45 38.25
C ASN B 74 17.40 -11.59 36.95
N THR B 75 16.43 -10.70 36.75
CA THR B 75 15.62 -10.72 35.53
C THR B 75 15.76 -9.47 34.65
N ALA B 76 16.58 -8.50 35.07
CA ALA B 76 16.73 -7.27 34.28
C ALA B 76 18.16 -6.77 34.38
N VAL B 77 18.71 -6.35 33.24
CA VAL B 77 20.01 -5.63 33.20
C VAL B 77 19.87 -4.42 32.32
N VAL B 78 20.78 -3.45 32.44
CA VAL B 78 20.83 -2.30 31.53
C VAL B 78 22.01 -2.41 30.58
N CYS B 79 21.90 -1.75 29.43
CA CYS B 79 22.99 -1.70 28.45
C CYS B 79 22.98 -0.33 27.79
N GLN B 80 24.03 0.46 28.01
CA GLN B 80 24.15 1.79 27.39
C GLN B 80 24.75 1.70 26.00
N ALA B 81 24.14 2.39 25.03
CA ALA B 81 24.75 2.54 23.72
C ALA B 81 24.13 3.67 22.94
N ASP B 82 24.98 4.43 22.23
CA ASP B 82 24.53 5.39 21.21
C ASP B 82 24.24 4.60 19.95
N LEU B 83 23.05 4.80 19.39
CA LEU B 83 22.66 4.06 18.17
C LEU B 83 22.74 4.94 16.90
N THR B 84 23.37 6.10 17.05
CA THR B 84 23.73 6.94 15.89
C THR B 84 24.65 6.13 14.97
N ASN B 85 24.49 6.32 13.65
CA ASN B 85 25.39 5.60 12.73
C ASN B 85 26.83 6.14 12.81
N SER B 86 27.78 5.21 12.77
CA SER B 86 29.22 5.52 12.83
C SER B 86 30.01 4.25 12.55
N ASN B 87 31.33 4.38 12.48
CA ASN B 87 32.20 3.21 12.31
C ASN B 87 32.09 2.15 13.40
N VAL B 88 31.70 2.58 14.61
CA VAL B 88 31.59 1.69 15.78
C VAL B 88 30.18 1.11 16.00
N LEU B 89 29.19 1.58 15.22
CA LEU B 89 27.81 1.07 15.39
C LEU B 89 27.64 -0.45 15.29
N PRO B 90 28.26 -1.10 14.27
CA PRO B 90 28.17 -2.56 14.21
C PRO B 90 28.68 -3.25 15.49
N ALA B 91 29.80 -2.78 16.04
CA ALA B 91 30.31 -3.34 17.30
C ALA B 91 29.37 -3.08 18.47
N SER B 92 28.79 -1.87 18.55
CA SER B 92 27.82 -1.54 19.60
C SER B 92 26.61 -2.46 19.56
N CYS B 93 26.13 -2.71 18.35
CA CYS B 93 24.92 -3.51 18.19
C CYS B 93 25.22 -4.99 18.50
N GLU B 94 26.40 -5.46 18.10
CA GLU B 94 26.84 -6.81 18.50
C GLU B 94 26.93 -6.97 20.02
N GLU B 95 27.43 -5.93 20.70
CA GLU B 95 27.55 -5.90 22.16
CA GLU B 95 27.53 -5.95 22.15
C GLU B 95 26.18 -5.90 22.88
N ILE B 96 25.20 -5.16 22.32
CA ILE B 96 23.85 -5.18 22.87
C ILE B 96 23.28 -6.60 22.88
N ILE B 97 23.34 -7.28 21.74
CA ILE B 97 22.89 -8.68 21.65
C ILE B 97 23.70 -9.60 22.59
N ASN B 98 25.03 -9.43 22.56
CA ASN B 98 25.90 -10.21 23.43
C ASN B 98 25.55 -10.02 24.90
N SER B 99 25.14 -8.81 25.29
CA SER B 99 24.77 -8.54 26.69
C SER B 99 23.59 -9.42 27.17
N CYS B 100 22.64 -9.71 26.26
CA CYS B 100 21.53 -10.57 26.59
C CYS B 100 22.01 -12.01 26.79
N PHE B 101 22.87 -12.48 25.89
CA PHE B 101 23.46 -13.82 26.06
C PHE B 101 24.33 -13.95 27.31
N ARG B 102 25.09 -12.92 27.63
CA ARG B 102 25.92 -12.95 28.86
C ARG B 102 25.08 -12.94 30.14
N ALA B 103 24.00 -12.18 30.17
CA ALA B 103 23.13 -12.09 31.34
C ALA B 103 22.22 -13.31 31.48
N PHE B 104 21.67 -13.80 30.37
CA PHE B 104 20.55 -14.72 30.43
C PHE B 104 20.74 -16.02 29.66
N GLY B 105 21.84 -16.13 28.93
CA GLY B 105 22.20 -17.37 28.19
C GLY B 105 21.42 -17.60 26.92
N ARG B 106 20.59 -16.63 26.52
CA ARG B 106 19.71 -16.77 25.35
C ARG B 106 19.19 -15.38 24.98
N CYS B 107 18.66 -15.26 23.77
CA CYS B 107 18.01 -14.02 23.33
C CYS B 107 16.91 -14.42 22.39
N ASP B 108 15.67 -14.34 22.88
CA ASP B 108 14.50 -14.82 22.15
C ASP B 108 13.80 -13.72 21.36
N VAL B 109 13.86 -12.50 21.88
CA VAL B 109 13.06 -11.39 21.35
C VAL B 109 13.94 -10.16 21.24
N LEU B 110 13.88 -9.48 20.10
CA LEU B 110 14.48 -8.13 19.93
C LEU B 110 13.37 -7.15 19.60
N VAL B 111 13.25 -6.06 20.36
CA VAL B 111 12.29 -4.99 20.04
C VAL B 111 13.10 -3.75 19.70
N ASN B 112 13.01 -3.34 18.42
CA ASN B 112 13.67 -2.12 17.94
C ASN B 112 12.74 -0.94 18.14
N ASN B 113 12.89 -0.30 19.28
CA ASN B 113 12.04 0.82 19.69
C ASN B 113 12.73 2.18 19.67
N ALA B 114 14.03 2.22 19.93
CA ALA B 114 14.75 3.50 20.04
C ALA B 114 14.59 4.30 18.76
N SER B 115 14.46 5.61 18.92
CA SER B 115 14.22 6.45 17.76
C SER B 115 14.55 7.91 18.02
N ALA B 116 15.22 8.54 17.06
CA ALA B 116 15.37 10.00 17.03
C ALA B 116 14.26 10.55 16.13
N PHE B 117 13.74 11.74 16.47
CA PHE B 117 12.58 12.32 15.81
C PHE B 117 12.69 13.83 15.94
N TYR B 118 12.95 14.50 14.82
CA TYR B 118 13.00 15.98 14.78
C TYR B 118 13.00 16.40 13.32
N PRO B 119 12.59 17.64 13.03
CA PRO B 119 12.49 18.07 11.64
C PRO B 119 13.85 18.29 10.98
N THR B 120 13.88 18.07 9.69
CA THR B 120 15.05 18.31 8.84
C THR B 120 14.57 18.99 7.53
N PRO B 121 14.28 20.31 7.58
CA PRO B 121 13.70 20.94 6.39
C PRO B 121 14.62 20.92 5.18
N LEU B 122 14.01 20.80 4.00
CA LEU B 122 14.77 20.73 2.76
C LEU B 122 15.25 22.10 2.35
N VAL B 123 14.49 23.12 2.74
CA VAL B 123 14.82 24.52 2.43
C VAL B 123 15.03 25.36 3.68
N GLN B 124 16.10 26.14 3.66
CA GLN B 124 16.49 27.02 4.78
C GLN B 124 15.96 28.44 4.58
N GLY B 133 22.01 22.86 16.23
CA GLY B 133 23.15 23.32 15.43
C GLY B 133 23.89 22.17 14.75
N LYS B 134 23.15 21.12 14.40
CA LYS B 134 23.74 19.89 13.85
C LYS B 134 23.96 20.02 12.36
N THR B 135 25.06 19.43 11.87
CA THR B 135 25.28 19.33 10.42
C THR B 135 24.25 18.37 9.85
N VAL B 136 24.02 18.47 8.56
CA VAL B 136 23.09 17.55 7.90
CA VAL B 136 23.11 17.56 7.87
C VAL B 136 23.60 16.11 8.01
N GLU B 137 24.92 15.88 7.94
CA GLU B 137 25.39 14.49 8.08
C GLU B 137 25.22 13.93 9.49
N THR B 138 25.26 14.80 10.52
CA THR B 138 24.91 14.35 11.87
C THR B 138 23.42 13.95 11.94
N GLN B 139 22.56 14.76 11.31
CA GLN B 139 21.14 14.44 11.24
C GLN B 139 20.89 13.11 10.52
N VAL B 140 21.60 12.88 9.42
CA VAL B 140 21.52 11.61 8.73
C VAL B 140 21.92 10.45 9.68
N ALA B 141 23.07 10.60 10.33
CA ALA B 141 23.60 9.56 11.22
C ALA B 141 22.61 9.26 12.35
N GLU B 142 21.99 10.30 12.91
CA GLU B 142 21.07 10.13 14.03
C GLU B 142 19.73 9.57 13.58
N LEU B 143 19.12 10.19 12.57
CA LEU B 143 17.77 9.80 12.16
C LEU B 143 17.76 8.48 11.39
N ILE B 144 18.68 8.31 10.45
CA ILE B 144 18.74 7.05 9.71
C ILE B 144 19.43 5.98 10.56
N GLY B 145 20.41 6.37 11.39
CA GLY B 145 21.07 5.37 12.25
C GLY B 145 20.12 4.78 13.29
N THR B 146 19.44 5.61 14.06
CA THR B 146 18.56 5.07 15.12
C THR B 146 17.38 4.32 14.54
N ASN B 147 16.78 4.87 13.49
CA ASN B 147 15.51 4.35 13.00
C ASN B 147 15.65 3.20 12.04
N ALA B 148 16.83 3.03 11.44
CA ALA B 148 16.97 2.02 10.40
C ALA B 148 18.26 1.22 10.47
N ILE B 149 19.40 1.90 10.53
CA ILE B 149 20.68 1.14 10.46
C ILE B 149 20.92 0.32 11.74
N ALA B 150 20.70 0.90 12.90
CA ALA B 150 20.84 0.17 14.15
C ALA B 150 19.88 -1.05 14.17
N PRO B 151 18.59 -0.88 13.81
CA PRO B 151 17.73 -2.07 13.68
C PRO B 151 18.30 -3.14 12.78
N PHE B 152 18.87 -2.73 11.64
CA PHE B 152 19.48 -3.69 10.71
C PHE B 152 20.65 -4.42 11.35
N LEU B 153 21.55 -3.69 11.99
CA LEU B 153 22.74 -4.31 12.61
C LEU B 153 22.34 -5.19 13.80
N LEU B 154 21.37 -4.75 14.59
CA LEU B 154 20.84 -5.56 15.70
C LEU B 154 20.19 -6.84 15.18
N THR B 155 19.45 -6.72 14.08
CA THR B 155 18.82 -7.89 13.43
C THR B 155 19.90 -8.87 12.97
N MET B 156 20.98 -8.37 12.34
CA MET B 156 22.10 -9.22 11.92
CA MET B 156 22.07 -9.24 11.90
C MET B 156 22.70 -9.94 13.11
N SER B 157 22.99 -9.21 14.17
CA SER B 157 23.62 -9.79 15.35
C SER B 157 22.69 -10.78 16.05
N PHE B 158 21.40 -10.46 16.14
CA PHE B 158 20.41 -11.36 16.74
C PHE B 158 20.36 -12.68 15.97
N ALA B 159 20.28 -12.61 14.65
CA ALA B 159 20.18 -13.83 13.83
C ALA B 159 21.46 -14.66 13.88
N GLN B 160 22.61 -14.00 13.83
CA GLN B 160 23.92 -14.68 13.79
CA GLN B 160 23.89 -14.73 13.76
C GLN B 160 24.18 -15.45 15.07
N ARG B 161 23.69 -14.90 16.18
CA ARG B 161 23.90 -15.50 17.50
C ARG B 161 23.04 -16.71 17.83
N GLN B 162 22.05 -17.01 16.99
CA GLN B 162 21.11 -18.13 17.23
C GLN B 162 21.70 -19.49 16.84
N SER B 172 10.83 -23.31 20.74
CA SER B 172 11.34 -21.93 20.65
C SER B 172 10.38 -21.01 19.88
N ASN B 173 10.41 -19.73 20.22
CA ASN B 173 9.59 -18.71 19.57
C ASN B 173 10.42 -17.44 19.47
N LEU B 174 11.25 -17.40 18.45
CA LEU B 174 12.19 -16.27 18.22
C LEU B 174 11.48 -15.24 17.36
N SER B 175 11.50 -13.98 17.82
CA SER B 175 10.97 -12.94 16.94
C SER B 175 11.55 -11.57 17.21
N ILE B 176 11.38 -10.73 16.18
CA ILE B 176 11.82 -9.31 16.19
C ILE B 176 10.59 -8.47 15.96
N VAL B 177 10.46 -7.39 16.74
CA VAL B 177 9.36 -6.44 16.55
C VAL B 177 9.97 -5.05 16.37
N ASN B 178 9.65 -4.44 15.24
CA ASN B 178 10.13 -3.08 14.91
C ASN B 178 9.06 -2.06 15.14
N LEU B 179 9.37 -0.96 15.82
CA LEU B 179 8.40 0.12 16.05
C LEU B 179 8.44 1.06 14.86
N CYS B 180 7.36 0.98 14.08
CA CYS B 180 7.19 1.70 12.83
C CYS B 180 6.38 2.98 13.07
N ASP B 181 5.63 3.45 12.07
CA ASP B 181 4.89 4.71 12.19
C ASP B 181 3.71 4.61 11.26
N ALA B 182 2.49 4.69 11.81
CA ALA B 182 1.27 4.54 10.99
C ALA B 182 1.09 5.67 9.96
N MET B 183 1.80 6.78 10.17
CA MET B 183 1.62 7.96 9.34
C MET B 183 2.72 8.13 8.29
N VAL B 184 3.42 7.05 7.99
CA VAL B 184 4.56 7.06 7.11
C VAL B 184 4.23 7.53 5.67
N ASP B 185 2.99 7.36 5.26
CA ASP B 185 2.55 7.81 3.93
C ASP B 185 1.80 9.12 3.93
N GLN B 186 1.60 9.72 5.11
CA GLN B 186 1.01 11.05 5.23
C GLN B 186 1.89 11.82 6.21
N PRO B 187 3.13 12.12 5.80
CA PRO B 187 4.13 12.50 6.80
C PRO B 187 3.99 13.94 7.35
N CSX B 188 4.59 14.15 8.51
CA CSX B 188 4.76 15.51 9.04
CB CSX B 188 5.52 15.37 10.37
SG CSX B 188 4.58 14.75 11.67
C CSX B 188 5.59 16.33 8.07
O CSX B 188 6.62 15.88 7.54
OD CSX B 188 3.65 15.85 12.09
N MET B 189 5.16 17.57 7.84
CA MET B 189 5.88 18.54 7.06
C MET B 189 7.31 18.73 7.58
N ALA B 190 8.28 18.64 6.68
CA ALA B 190 9.69 18.91 6.98
C ALA B 190 10.39 17.84 7.81
N PHE B 191 9.83 16.62 7.79
CA PHE B 191 10.43 15.48 8.50
C PHE B 191 11.00 14.46 7.51
N SER B 192 11.65 14.91 6.44
CA SER B 192 12.03 13.95 5.41
CA SER B 192 12.11 13.97 5.39
C SER B 192 12.99 12.88 5.92
N LEU B 193 14.04 13.23 6.66
CA LEU B 193 14.97 12.17 7.08
C LEU B 193 14.34 11.17 8.05
N TYR B 194 13.51 11.66 8.96
CA TYR B 194 12.78 10.78 9.87
C TYR B 194 11.91 9.81 9.05
N ASN B 195 11.18 10.35 8.08
N ASN B 195 11.15 10.34 8.11
CA ASN B 195 10.25 9.56 7.26
CA ASN B 195 10.28 9.51 7.28
C ASN B 195 11.00 8.54 6.41
C ASN B 195 11.04 8.50 6.45
N MET B 196 12.16 8.94 5.88
CA MET B 196 13.04 8.03 5.16
C MET B 196 13.48 6.88 6.07
N GLY B 197 13.88 7.18 7.31
CA GLY B 197 14.29 6.15 8.26
C GLY B 197 13.16 5.17 8.55
N LYS B 198 11.95 5.69 8.77
CA LYS B 198 10.83 4.80 9.07
C LYS B 198 10.40 3.98 7.86
N HIS B 199 10.45 4.56 6.66
CA HIS B 199 10.22 3.73 5.47
C HIS B 199 11.29 2.65 5.32
N ALA B 200 12.56 2.98 5.57
CA ALA B 200 13.62 1.98 5.54
C ALA B 200 13.32 0.86 6.53
N LEU B 201 12.77 1.21 7.69
CA LEU B 201 12.43 0.19 8.69
C LEU B 201 11.34 -0.75 8.20
N VAL B 202 10.38 -0.26 7.42
CA VAL B 202 9.37 -1.14 6.81
C VAL B 202 10.08 -2.11 5.88
N GLY B 203 11.01 -1.59 5.08
CA GLY B 203 11.78 -2.44 4.17
C GLY B 203 12.55 -3.50 4.94
N LEU B 204 13.20 -3.11 6.02
CA LEU B 204 13.92 -4.09 6.85
C LEU B 204 12.96 -5.15 7.40
N THR B 205 11.80 -4.74 7.90
CA THR B 205 10.84 -5.68 8.47
C THR B 205 10.50 -6.75 7.43
N GLN B 206 10.21 -6.31 6.20
CA GLN B 206 9.81 -7.25 5.16
C GLN B 206 10.97 -8.10 4.66
N SER B 207 12.12 -7.45 4.40
CA SER B 207 13.30 -8.20 3.92
C SER B 207 13.79 -9.20 4.96
N ALA B 208 13.85 -8.80 6.22
CA ALA B 208 14.31 -9.70 7.27
C ALA B 208 13.27 -10.80 7.55
N ALA B 209 11.99 -10.50 7.44
CA ALA B 209 11.01 -11.58 7.58
C ALA B 209 11.25 -12.68 6.56
N LEU B 210 11.49 -12.27 5.32
CA LEU B 210 11.69 -13.23 4.25
CA LEU B 210 11.72 -13.22 4.25
C LEU B 210 12.97 -14.05 4.49
N GLU B 211 14.05 -13.38 4.84
CA GLU B 211 15.36 -14.01 4.91
C GLU B 211 15.51 -14.88 6.16
N LEU B 212 14.87 -14.47 7.25
CA LEU B 212 14.98 -15.18 8.52
C LEU B 212 13.91 -16.24 8.78
N ALA B 213 12.86 -16.25 7.95
CA ALA B 213 11.81 -17.30 8.06
C ALA B 213 12.40 -18.75 8.07
N PRO B 214 13.41 -19.07 7.22
CA PRO B 214 13.98 -20.45 7.30
C PRO B 214 14.63 -20.82 8.65
N TYR B 215 15.00 -19.81 9.44
CA TYR B 215 15.60 -20.00 10.75
C TYR B 215 14.54 -19.98 11.86
N GLY B 216 13.28 -19.83 11.47
CA GLY B 216 12.16 -19.75 12.42
C GLY B 216 12.08 -18.45 13.21
N ILE B 217 12.69 -17.40 12.67
CA ILE B 217 12.66 -16.08 13.34
C ILE B 217 11.61 -15.26 12.62
N ARG B 218 10.57 -14.83 13.34
CA ARG B 218 9.53 -14.00 12.74
C ARG B 218 9.93 -12.53 12.93
N VAL B 219 9.53 -11.71 11.97
CA VAL B 219 9.89 -10.27 12.02
C VAL B 219 8.66 -9.47 11.68
N ASN B 220 8.22 -8.60 12.61
CA ASN B 220 6.96 -7.89 12.44
C ASN B 220 7.14 -6.47 12.95
N GLY B 221 6.13 -5.65 12.71
CA GLY B 221 6.16 -4.28 13.19
C GLY B 221 4.89 -3.89 13.89
N VAL B 222 5.01 -2.86 14.72
CA VAL B 222 3.85 -2.19 15.37
C VAL B 222 3.99 -0.74 15.00
N ALA B 223 2.92 -0.20 14.42
CA ALA B 223 2.91 1.18 13.90
C ALA B 223 1.98 2.09 14.68
N PRO B 224 2.50 2.84 15.67
CA PRO B 224 1.64 3.80 16.38
C PRO B 224 1.23 4.94 15.47
N GLY B 225 0.07 5.55 15.80
CA GLY B 225 -0.33 6.83 15.19
C GLY B 225 0.17 7.98 16.04
N VAL B 226 -0.70 8.49 16.90
CA VAL B 226 -0.24 9.38 17.96
C VAL B 226 -0.33 8.60 19.27
N SER B 227 0.80 8.49 19.96
CA SER B 227 0.85 7.88 21.26
C SER B 227 1.32 8.96 22.20
N LEU B 228 2.21 8.63 23.14
CA LEU B 228 2.64 9.61 24.14
C LEU B 228 3.19 10.84 23.49
N LEU B 229 2.61 11.97 23.87
CA LEU B 229 2.95 13.24 23.33
C LEU B 229 4.10 13.81 24.15
N PRO B 230 4.82 14.81 23.61
CA PRO B 230 5.87 15.39 24.48
C PRO B 230 5.25 16.05 25.73
N VAL B 231 5.81 15.77 26.92
CA VAL B 231 5.26 16.32 28.18
C VAL B 231 5.26 17.87 28.20
N ALA B 232 6.31 18.45 27.61
CA ALA B 232 6.49 19.91 27.47
C ALA B 232 5.54 20.56 26.44
N MET B 233 4.97 19.76 25.54
CA MET B 233 3.97 20.25 24.61
C MET B 233 2.75 20.79 25.38
N GLY B 234 2.33 22.00 25.05
CA GLY B 234 1.14 22.62 25.65
C GLY B 234 -0.08 21.72 25.45
N GLU B 235 -0.90 21.60 26.48
CA GLU B 235 -2.15 20.82 26.36
C GLU B 235 -3.01 21.28 25.19
N GLU B 236 -3.01 22.59 24.91
CA GLU B 236 -3.77 23.11 23.79
C GLU B 236 -3.28 22.53 22.45
N GLU B 237 -1.97 22.32 22.31
CA GLU B 237 -1.40 21.65 21.14
C GLU B 237 -1.68 20.14 21.19
N LYS B 238 -1.55 19.52 22.36
CA LYS B 238 -1.86 18.07 22.49
C LYS B 238 -3.30 17.78 22.07
N ASP B 239 -4.22 18.66 22.44
CA ASP B 239 -5.62 18.50 22.08
C ASP B 239 -5.90 18.60 20.58
N LYS B 240 -5.11 19.40 19.85
CA LYS B 240 -5.24 19.48 18.38
C LYS B 240 -4.97 18.10 17.79
N TRP B 241 -3.97 17.41 18.33
CA TRP B 241 -3.63 16.04 17.90
C TRP B 241 -4.67 15.01 18.33
N ARG B 242 -5.08 15.06 19.60
CA ARG B 242 -6.09 14.14 20.15
C ARG B 242 -7.39 14.19 19.39
N ARG B 243 -7.84 15.40 19.05
CA ARG B 243 -9.11 15.55 18.31
C ARG B 243 -9.11 14.98 16.88
N LYS B 244 -7.93 14.69 16.35
CA LYS B 244 -7.82 14.03 15.03
C LYS B 244 -8.15 12.53 15.08
N VAL B 245 -8.10 11.92 16.27
CA VAL B 245 -8.19 10.46 16.37
C VAL B 245 -9.66 10.02 16.39
N PRO B 246 -10.11 9.26 15.37
CA PRO B 246 -11.52 8.83 15.38
C PRO B 246 -11.95 8.05 16.62
N LEU B 247 -11.13 7.11 17.08
CA LEU B 247 -11.48 6.22 18.17
C LEU B 247 -11.13 6.86 19.51
N GLY B 248 -12.09 7.62 20.05
CA GLY B 248 -11.95 8.14 21.41
C GLY B 248 -11.32 9.51 21.53
N ARG B 249 -10.86 10.11 20.41
CA ARG B 249 -10.25 11.45 20.41
C ARG B 249 -9.17 11.56 21.49
N ARG B 250 -8.28 10.57 21.51
CA ARG B 250 -7.20 10.52 22.48
C ARG B 250 -6.04 9.77 21.83
N GLU B 251 -4.84 10.04 22.30
CA GLU B 251 -3.65 9.30 21.92
C GLU B 251 -3.60 7.91 22.54
N ALA B 252 -2.84 7.00 21.93
CA ALA B 252 -2.59 5.68 22.52
C ALA B 252 -1.75 5.79 23.76
N SER B 253 -2.07 5.02 24.79
CA SER B 253 -1.14 4.88 25.89
C SER B 253 0.05 4.06 25.44
N ALA B 254 1.15 4.16 26.17
CA ALA B 254 2.30 3.29 25.90
C ALA B 254 1.91 1.83 26.06
N GLU B 255 1.04 1.53 27.01
CA GLU B 255 0.61 0.16 27.26
C GLU B 255 -0.19 -0.45 26.14
N GLN B 256 -0.97 0.39 25.44
CA GLN B 256 -1.73 -0.09 24.27
C GLN B 256 -0.78 -0.45 23.13
N ILE B 257 0.30 0.32 22.97
CA ILE B 257 1.31 -0.06 21.98
C ILE B 257 2.00 -1.34 22.41
N ALA B 258 2.34 -1.42 23.70
CA ALA B 258 3.01 -2.64 24.20
C ALA B 258 2.15 -3.89 24.02
N ASP B 259 0.83 -3.75 24.16
CA ASP B 259 -0.07 -4.90 23.96
C ASP B 259 0.07 -5.55 22.58
N ALA B 260 0.28 -4.73 21.53
CA ALA B 260 0.46 -5.29 20.19
C ALA B 260 1.80 -6.01 20.09
N VAL B 261 2.82 -5.47 20.74
CA VAL B 261 4.14 -6.12 20.79
C VAL B 261 4.02 -7.49 21.48
N ILE B 262 3.33 -7.55 22.62
CA ILE B 262 3.11 -8.79 23.34
C ILE B 262 2.40 -9.81 22.47
N PHE B 263 1.36 -9.39 21.75
CA PHE B 263 0.72 -10.30 20.82
C PHE B 263 1.69 -10.86 19.79
N LEU B 264 2.47 -9.97 19.16
CA LEU B 264 3.39 -10.42 18.10
C LEU B 264 4.48 -11.37 18.57
N VAL B 265 4.92 -11.27 19.82
CA VAL B 265 5.94 -12.20 20.30
C VAL B 265 5.36 -13.48 20.85
N SER B 266 4.04 -13.53 20.99
CA SER B 266 3.35 -14.66 21.65
C SER B 266 3.15 -15.86 20.73
N GLY B 267 2.75 -16.96 21.37
CA GLY B 267 2.38 -18.18 20.63
C GLY B 267 1.13 -17.99 19.78
N SER B 268 0.36 -16.95 20.04
CA SER B 268 -0.85 -16.64 19.26
C SER B 268 -0.53 -15.99 17.91
N ALA B 269 0.75 -15.71 17.66
CA ALA B 269 1.19 -15.08 16.41
C ALA B 269 2.22 -15.91 15.67
N GLN B 270 2.22 -17.23 15.90
CA GLN B 270 3.31 -18.04 15.37
CA GLN B 270 3.27 -18.10 15.38
C GLN B 270 3.36 -18.22 13.86
N TYR B 271 2.30 -17.83 13.14
CA TYR B 271 2.30 -17.84 11.67
C TYR B 271 2.45 -16.45 11.07
N ILE B 272 2.56 -15.44 11.95
CA ILE B 272 2.62 -14.03 11.52
C ILE B 272 4.10 -13.61 11.35
N THR B 273 4.44 -13.25 10.12
CA THR B 273 5.74 -12.66 9.84
C THR B 273 5.63 -11.71 8.68
N GLY B 274 6.38 -10.61 8.78
CA GLY B 274 6.32 -9.57 7.76
C GLY B 274 5.12 -8.65 7.86
N SER B 275 4.42 -8.69 8.99
CA SER B 275 3.18 -7.93 9.18
C SER B 275 3.46 -6.72 10.03
N ILE B 276 2.79 -5.63 9.68
CA ILE B 276 2.89 -4.40 10.48
C ILE B 276 1.50 -4.04 10.97
N ILE B 277 1.31 -4.12 12.28
CA ILE B 277 0.01 -3.83 12.90
C ILE B 277 -0.08 -2.36 13.27
N LYS B 278 -0.99 -1.62 12.63
CA LYS B 278 -1.26 -0.23 13.07
C LYS B 278 -2.00 -0.25 14.38
N VAL B 279 -1.54 0.62 15.28
CA VAL B 279 -2.20 0.84 16.57
C VAL B 279 -2.42 2.35 16.66
N ASP B 280 -3.43 2.81 15.91
CA ASP B 280 -3.57 4.24 15.67
C ASP B 280 -4.96 4.83 15.84
N GLY B 281 -5.91 4.03 16.31
CA GLY B 281 -7.26 4.62 16.59
C GLY B 281 -7.95 5.11 15.32
N GLY B 282 -7.52 4.63 14.16
CA GLY B 282 -8.05 5.07 12.88
C GLY B 282 -7.44 6.33 12.31
N LEU B 283 -6.41 6.89 12.97
CA LEU B 283 -5.81 8.17 12.52
C LEU B 283 -5.38 8.21 11.06
N SER B 284 -4.74 7.12 10.61
CA SER B 284 -4.24 7.05 9.25
C SER B 284 -5.34 7.00 8.20
N LEU B 285 -6.57 6.80 8.63
CA LEU B 285 -7.73 6.76 7.70
C LEU B 285 -8.37 8.12 7.45
N VAL B 286 -7.90 9.16 8.16
CA VAL B 286 -8.52 10.48 8.18
C VAL B 286 -7.88 11.34 7.08
N HIS B 287 -8.70 11.76 6.13
CA HIS B 287 -8.23 12.69 5.09
C HIS B 287 -7.95 14.10 5.64
N ALA B 288 -7.21 14.89 4.86
CA ALA B 288 -6.83 16.28 5.20
C ALA B 288 -8.03 17.17 5.49
N GLU C 22 -6.87 2.14 -40.12
CA GLU C 22 -5.92 3.28 -39.95
C GLU C 22 -5.98 3.87 -38.53
N ALA C 23 -6.97 4.72 -38.26
CA ALA C 23 -7.09 5.41 -36.97
C ALA C 23 -7.65 4.47 -35.90
N PRO C 24 -7.04 4.49 -34.70
CA PRO C 24 -7.61 3.66 -33.64
C PRO C 24 -8.94 4.23 -33.12
N ALA C 25 -9.65 3.43 -32.33
CA ALA C 25 -10.95 3.81 -31.79
C ALA C 25 -11.00 3.56 -30.28
N ALA C 26 -11.69 4.45 -29.57
CA ALA C 26 -11.82 4.40 -28.11
C ALA C 26 -13.29 4.51 -27.68
N VAL C 27 -13.64 3.78 -26.62
CA VAL C 27 -14.91 3.92 -25.91
C VAL C 27 -14.64 4.67 -24.62
N VAL C 28 -15.39 5.72 -24.35
CA VAL C 28 -15.33 6.45 -23.07
C VAL C 28 -16.70 6.43 -22.43
N THR C 29 -16.81 5.84 -21.23
CA THR C 29 -18.12 5.83 -20.58
C THR C 29 -18.34 7.11 -19.81
N GLY C 30 -19.59 7.53 -19.69
CA GLY C 30 -19.91 8.79 -19.06
C GLY C 30 -19.19 9.99 -19.71
N ALA C 31 -19.17 10.02 -21.04
CA ALA C 31 -18.37 10.96 -21.82
C ALA C 31 -19.02 12.29 -22.17
N ALA C 32 -20.27 12.49 -21.76
CA ALA C 32 -21.01 13.70 -22.16
C ALA C 32 -20.54 14.94 -21.43
N LYS C 33 -20.04 14.78 -20.21
CA LYS C 33 -19.72 15.95 -19.39
C LYS C 33 -18.43 15.75 -18.60
N ARG C 34 -17.89 16.87 -18.11
CA ARG C 34 -16.85 16.88 -17.07
C ARG C 34 -15.62 16.06 -17.47
N ILE C 35 -15.18 15.13 -16.63
CA ILE C 35 -13.93 14.43 -16.92
C ILE C 35 -14.01 13.52 -18.16
N GLY C 36 -15.12 12.79 -18.32
CA GLY C 36 -15.29 11.92 -19.48
C GLY C 36 -15.25 12.71 -20.78
N ARG C 37 -15.89 13.88 -20.78
CA ARG C 37 -15.86 14.75 -21.95
C ARG C 37 -14.44 15.19 -22.29
N ALA C 38 -13.68 15.61 -21.27
CA ALA C 38 -12.31 16.01 -21.50
C ALA C 38 -11.43 14.88 -22.04
N ILE C 39 -11.64 13.67 -21.51
CA ILE C 39 -10.96 12.50 -22.02
C ILE C 39 -11.32 12.24 -23.49
N ALA C 40 -12.62 12.28 -23.81
CA ALA C 40 -13.06 12.08 -25.18
C ALA C 40 -12.45 13.11 -26.15
N VAL C 41 -12.45 14.38 -25.74
CA VAL C 41 -11.87 15.46 -26.57
C VAL C 41 -10.38 15.20 -26.81
N LYS C 42 -9.64 14.90 -25.74
CA LYS C 42 -8.23 14.69 -25.89
C LYS C 42 -7.88 13.44 -26.71
N LEU C 43 -8.65 12.35 -26.55
CA LEU C 43 -8.39 11.18 -27.37
C LEU C 43 -8.63 11.53 -28.85
N HIS C 44 -9.72 12.24 -29.10
CA HIS C 44 -10.03 12.68 -30.45
C HIS C 44 -8.92 13.55 -31.05
N GLN C 45 -8.44 14.53 -30.25
CA GLN C 45 -7.32 15.40 -30.66
C GLN C 45 -6.03 14.62 -30.97
N THR C 46 -5.83 13.48 -30.31
CA THR C 46 -4.69 12.59 -30.51
C THR C 46 -4.85 11.69 -31.75
N GLY C 47 -6.07 11.67 -32.31
CA GLY C 47 -6.31 10.92 -33.52
C GLY C 47 -7.22 9.71 -33.40
N TYR C 48 -7.82 9.52 -32.23
CA TYR C 48 -8.80 8.44 -32.06
C TYR C 48 -10.16 8.82 -32.60
N ARG C 49 -10.84 7.81 -33.12
CA ARG C 49 -12.29 7.85 -33.28
C ARG C 49 -12.91 7.45 -31.93
N VAL C 50 -14.03 8.05 -31.57
CA VAL C 50 -14.58 7.88 -30.21
C VAL C 50 -16.04 7.49 -30.15
N VAL C 51 -16.37 6.59 -29.23
CA VAL C 51 -17.74 6.33 -28.81
C VAL C 51 -17.99 7.09 -27.53
N ILE C 52 -18.95 7.99 -27.56
CA ILE C 52 -19.34 8.81 -26.44
C ILE C 52 -20.51 8.13 -25.76
N HIS C 53 -20.26 7.41 -24.68
CA HIS C 53 -21.35 6.79 -23.95
C HIS C 53 -22.07 7.78 -23.02
N TYR C 54 -23.39 7.64 -22.88
CA TYR C 54 -24.17 8.45 -21.96
C TYR C 54 -25.36 7.63 -21.42
N HIS C 55 -25.90 8.08 -20.30
CA HIS C 55 -27.10 7.50 -19.73
C HIS C 55 -28.24 8.51 -19.88
N ASN C 56 -28.16 9.62 -19.15
CA ASN C 56 -29.23 10.64 -19.18
C ASN C 56 -28.92 11.84 -20.06
N SER C 57 -27.64 12.04 -20.38
CA SER C 57 -27.23 13.31 -20.99
C SER C 57 -27.11 13.25 -22.50
N ALA C 58 -28.23 12.92 -23.16
CA ALA C 58 -28.27 12.79 -24.63
C ALA C 58 -27.91 14.07 -25.39
N GLU C 59 -28.49 15.18 -24.96
CA GLU C 59 -28.25 16.47 -25.61
C GLU C 59 -26.76 16.81 -25.59
N ALA C 60 -26.15 16.70 -24.40
CA ALA C 60 -24.72 16.95 -24.22
C ALA C 60 -23.83 15.98 -25.02
N ALA C 61 -24.22 14.72 -25.08
CA ALA C 61 -23.47 13.71 -25.81
C ALA C 61 -23.45 14.04 -27.31
N VAL C 62 -24.63 14.38 -27.82
CA VAL C 62 -24.79 14.72 -29.22
C VAL C 62 -24.06 16.04 -29.57
N SER C 63 -24.12 17.03 -28.67
CA SER C 63 -23.37 18.28 -28.84
C SER C 63 -21.85 18.02 -28.92
N LEU C 64 -21.31 17.16 -28.06
CA LEU C 64 -19.91 16.76 -28.17
C LEU C 64 -19.59 16.09 -29.49
N ALA C 65 -20.44 15.12 -29.89
CA ALA C 65 -20.21 14.39 -31.12
C ALA C 65 -20.20 15.37 -32.32
N ASP C 66 -21.12 16.34 -32.30
CA ASP C 66 -21.23 17.38 -33.35
C ASP C 66 -19.91 18.17 -33.43
N GLU C 67 -19.41 18.60 -32.26
CA GLU C 67 -18.12 19.30 -32.18
C GLU C 67 -16.98 18.49 -32.79
N LEU C 68 -16.87 17.22 -32.43
CA LEU C 68 -15.79 16.36 -32.92
C LEU C 68 -15.92 16.00 -34.40
N ASN C 69 -17.14 15.80 -34.86
CA ASN C 69 -17.37 15.47 -36.25
C ASN C 69 -17.16 16.66 -37.19
N LYS C 70 -17.42 17.87 -36.69
CA LYS C 70 -17.07 19.10 -37.40
C LYS C 70 -15.57 19.21 -37.64
N GLU C 71 -14.76 18.79 -36.66
CA GLU C 71 -13.31 18.74 -36.80
C GLU C 71 -12.84 17.69 -37.82
N ARG C 72 -13.34 16.46 -37.69
CA ARG C 72 -13.03 15.34 -38.61
C ARG C 72 -14.32 14.54 -38.77
N SER C 73 -14.84 14.48 -40.00
CA SER C 73 -16.13 13.85 -40.27
CA SER C 73 -16.13 13.85 -40.27
C SER C 73 -16.16 12.36 -39.89
N ASN C 74 -17.29 11.96 -39.31
CA ASN C 74 -17.60 10.56 -38.96
C ASN C 74 -16.53 9.90 -38.06
N THR C 75 -16.07 10.64 -37.07
CA THR C 75 -15.07 10.14 -36.15
C THR C 75 -15.63 10.05 -34.73
N ALA C 76 -16.92 10.35 -34.55
CA ALA C 76 -17.54 10.31 -33.21
C ALA C 76 -18.98 9.84 -33.29
N VAL C 77 -19.31 8.84 -32.49
CA VAL C 77 -20.69 8.35 -32.35
C VAL C 77 -21.12 8.37 -30.89
N VAL C 78 -22.42 8.38 -30.62
CA VAL C 78 -22.93 8.27 -29.25
C VAL C 78 -23.53 6.89 -28.99
N CYS C 79 -23.60 6.50 -27.72
CA CYS C 79 -24.17 5.23 -27.31
C CYS C 79 -24.86 5.35 -25.96
N GLN C 80 -26.17 5.12 -25.93
CA GLN C 80 -26.93 5.18 -24.67
C GLN C 80 -26.88 3.87 -23.93
N ALA C 81 -26.61 3.94 -22.62
CA ALA C 81 -26.80 2.77 -21.75
C ALA C 81 -26.88 3.15 -20.30
N ASP C 82 -27.78 2.50 -19.56
CA ASP C 82 -27.78 2.59 -18.11
C ASP C 82 -26.74 1.60 -17.59
N LEU C 83 -25.83 2.08 -16.74
CA LEU C 83 -24.78 1.23 -16.17
C LEU C 83 -25.05 0.71 -14.75
N THR C 84 -26.26 0.96 -14.27
CA THR C 84 -26.76 0.36 -13.02
C THR C 84 -26.70 -1.17 -13.16
N ASN C 85 -26.24 -1.87 -12.12
CA ASN C 85 -26.33 -3.34 -12.18
C ASN C 85 -27.78 -3.87 -12.25
N SER C 86 -28.00 -4.85 -13.13
CA SER C 86 -29.30 -5.50 -13.30
C SER C 86 -29.07 -6.73 -14.15
N ASN C 87 -30.14 -7.50 -14.35
CA ASN C 87 -30.14 -8.64 -15.26
C ASN C 87 -29.72 -8.30 -16.69
N VAL C 88 -29.95 -7.05 -17.11
CA VAL C 88 -29.61 -6.63 -18.48
C VAL C 88 -28.26 -5.91 -18.62
N LEU C 89 -27.58 -5.63 -17.51
CA LEU C 89 -26.28 -4.93 -17.60
C LEU C 89 -25.25 -5.65 -18.50
N PRO C 90 -25.13 -7.00 -18.42
CA PRO C 90 -24.16 -7.64 -19.34
C PRO C 90 -24.47 -7.36 -20.82
N ALA C 91 -25.76 -7.40 -21.20
CA ALA C 91 -26.13 -7.11 -22.58
C ALA C 91 -25.83 -5.67 -22.95
N SER C 92 -26.08 -4.75 -22.01
CA SER C 92 -25.80 -3.34 -22.24
C SER C 92 -24.32 -3.04 -22.47
N CYS C 93 -23.48 -3.70 -21.68
CA CYS C 93 -22.04 -3.56 -21.79
C CYS C 93 -21.51 -4.17 -23.09
N GLU C 94 -22.05 -5.33 -23.48
CA GLU C 94 -21.73 -5.92 -24.78
C GLU C 94 -22.09 -4.95 -25.93
N GLU C 95 -23.23 -4.29 -25.82
CA GLU C 95 -23.67 -3.33 -26.84
C GLU C 95 -22.75 -2.11 -26.96
N ILE C 96 -22.26 -1.60 -25.82
CA ILE C 96 -21.35 -0.46 -25.84
C ILE C 96 -20.09 -0.82 -26.65
N ILE C 97 -19.49 -1.96 -26.34
CA ILE C 97 -18.33 -2.44 -27.08
C ILE C 97 -18.65 -2.69 -28.55
N ASN C 98 -19.79 -3.35 -28.77
CA ASN C 98 -20.22 -3.62 -30.15
C ASN C 98 -20.40 -2.36 -30.98
N SER C 99 -20.90 -1.29 -30.37
N SER C 99 -20.90 -1.28 -30.36
CA SER C 99 -21.11 -0.04 -31.08
CA SER C 99 -21.11 0.01 -31.03
C SER C 99 -19.79 0.48 -31.66
C SER C 99 -19.83 0.64 -31.55
N CYS C 100 -18.71 0.35 -30.88
CA CYS C 100 -17.40 0.77 -31.36
C CYS C 100 -16.96 -0.02 -32.59
N PHE C 101 -17.06 -1.34 -32.52
CA PHE C 101 -16.74 -2.22 -33.66
C PHE C 101 -17.64 -1.95 -34.89
N ARG C 102 -18.92 -1.67 -34.66
CA ARG C 102 -19.82 -1.38 -35.78
C ARG C 102 -19.48 -0.06 -36.45
N ALA C 103 -19.19 0.96 -35.66
CA ALA C 103 -18.91 2.29 -36.20
C ALA C 103 -17.53 2.35 -36.85
N PHE C 104 -16.53 1.69 -36.24
CA PHE C 104 -15.16 1.94 -36.58
C PHE C 104 -14.35 0.71 -37.00
N GLY C 105 -14.91 -0.48 -36.83
CA GLY C 105 -14.27 -1.73 -37.23
C GLY C 105 -13.22 -2.24 -36.28
N ARG C 106 -13.10 -1.61 -35.12
CA ARG C 106 -12.03 -1.95 -34.16
C ARG C 106 -12.37 -1.24 -32.86
N CYS C 107 -11.73 -1.70 -31.77
CA CYS C 107 -11.85 -1.02 -30.47
C CYS C 107 -10.53 -1.23 -29.75
N ASP C 108 -9.75 -0.15 -29.68
CA ASP C 108 -8.37 -0.18 -29.19
C ASP C 108 -8.28 0.20 -27.73
N VAL C 109 -9.18 1.07 -27.29
CA VAL C 109 -9.10 1.67 -25.95
C VAL C 109 -10.48 1.69 -25.31
N LEU C 110 -10.52 1.27 -24.04
CA LEU C 110 -11.72 1.41 -23.21
C LEU C 110 -11.37 2.26 -22.03
N VAL C 111 -12.09 3.35 -21.82
CA VAL C 111 -11.91 4.19 -20.63
C VAL C 111 -13.17 4.05 -19.77
N ASN C 112 -13.03 3.42 -18.60
CA ASN C 112 -14.13 3.26 -17.64
C ASN C 112 -14.14 4.49 -16.74
N ASN C 113 -14.92 5.47 -17.15
CA ASN C 113 -14.98 6.77 -16.48
C ASN C 113 -16.30 6.97 -15.75
N ALA C 114 -17.42 6.40 -16.24
CA ALA C 114 -18.73 6.63 -15.61
C ALA C 114 -18.72 6.25 -14.16
N SER C 115 -19.43 7.05 -13.35
N SER C 115 -19.31 7.08 -13.29
CA SER C 115 -19.49 6.84 -11.92
CA SER C 115 -19.38 6.74 -11.86
C SER C 115 -20.70 7.46 -11.28
C SER C 115 -20.42 7.53 -11.06
N ALA C 116 -21.13 6.79 -10.21
CA ALA C 116 -22.11 7.36 -9.28
C ALA C 116 -21.36 7.70 -7.98
N PHE C 117 -21.77 8.77 -7.33
CA PHE C 117 -21.10 9.23 -6.13
C PHE C 117 -22.12 9.91 -5.23
N TYR C 118 -22.36 9.30 -4.07
CA TYR C 118 -23.24 9.86 -3.04
C TYR C 118 -23.07 9.09 -1.74
N PRO C 119 -23.39 9.72 -0.59
CA PRO C 119 -23.21 9.01 0.69
C PRO C 119 -24.21 7.88 0.94
N THR C 120 -23.75 6.90 1.71
CA THR C 120 -24.56 5.78 2.15
C THR C 120 -24.23 5.50 3.61
N PRO C 121 -24.80 6.30 4.54
CA PRO C 121 -24.43 6.15 5.96
C PRO C 121 -24.75 4.76 6.52
N LEU C 122 -23.87 4.27 7.40
CA LEU C 122 -24.07 2.95 8.02
C LEU C 122 -25.14 3.00 9.11
N VAL C 123 -25.31 4.17 9.71
CA VAL C 123 -26.31 4.36 10.78
C VAL C 123 -27.32 5.39 10.33
N GLN C 124 -28.58 4.97 10.28
CA GLN C 124 -29.70 5.79 9.79
C GLN C 124 -30.49 6.37 10.95
N GLY C 133 -36.23 7.95 -0.17
CA GLY C 133 -35.36 7.85 -1.34
C GLY C 133 -35.07 6.42 -1.76
N LYS C 134 -33.84 6.19 -2.21
CA LYS C 134 -33.42 4.90 -2.76
C LYS C 134 -33.27 3.83 -1.69
N THR C 135 -33.69 2.61 -2.03
CA THR C 135 -33.42 1.45 -1.18
C THR C 135 -31.93 1.18 -1.15
N VAL C 136 -31.46 0.51 -0.10
CA VAL C 136 -30.05 0.19 -0.02
CA VAL C 136 -30.05 0.14 0.02
C VAL C 136 -29.62 -0.69 -1.20
N GLU C 137 -30.49 -1.60 -1.66
CA GLU C 137 -30.12 -2.43 -2.80
C GLU C 137 -30.07 -1.65 -4.13
N THR C 138 -30.88 -0.60 -4.25
CA THR C 138 -30.70 0.34 -5.37
C THR C 138 -29.33 1.06 -5.30
N GLN C 139 -28.93 1.46 -4.09
CA GLN C 139 -27.62 2.09 -3.88
C GLN C 139 -26.50 1.13 -4.24
N VAL C 140 -26.65 -0.14 -3.86
CA VAL C 140 -25.69 -1.17 -4.27
C VAL C 140 -25.60 -1.25 -5.80
N ALA C 141 -26.75 -1.33 -6.46
CA ALA C 141 -26.78 -1.48 -7.91
C ALA C 141 -26.14 -0.31 -8.62
N GLU C 142 -26.33 0.90 -8.08
CA GLU C 142 -25.78 2.09 -8.70
C GLU C 142 -24.33 2.26 -8.36
N LEU C 143 -23.97 2.24 -7.08
CA LEU C 143 -22.61 2.53 -6.65
C LEU C 143 -21.67 1.39 -7.05
N ILE C 144 -22.00 0.15 -6.68
CA ILE C 144 -21.16 -0.99 -7.04
C ILE C 144 -21.33 -1.34 -8.50
N GLY C 145 -22.55 -1.24 -9.02
CA GLY C 145 -22.81 -1.54 -10.43
C GLY C 145 -22.06 -0.64 -11.39
N THR C 146 -22.27 0.66 -11.28
CA THR C 146 -21.61 1.65 -12.18
CA THR C 146 -21.66 1.60 -12.19
C THR C 146 -20.12 1.66 -12.00
N ASN C 147 -19.67 1.64 -10.74
CA ASN C 147 -18.27 1.89 -10.44
CA ASN C 147 -18.28 1.93 -10.48
C ASN C 147 -17.38 0.69 -10.57
N ALA C 148 -17.97 -0.51 -10.50
CA ALA C 148 -17.17 -1.73 -10.52
C ALA C 148 -17.67 -2.82 -11.45
N ILE C 149 -18.95 -3.16 -11.36
CA ILE C 149 -19.47 -4.27 -12.17
C ILE C 149 -19.51 -3.92 -13.67
N ALA C 150 -20.00 -2.72 -13.99
CA ALA C 150 -20.00 -2.29 -15.42
C ALA C 150 -18.58 -2.30 -15.99
N PRO C 151 -17.56 -1.73 -15.27
CA PRO C 151 -16.19 -1.89 -15.76
C PRO C 151 -15.75 -3.34 -15.95
N PHE C 152 -16.15 -4.22 -15.04
CA PHE C 152 -15.82 -5.65 -15.20
C PHE C 152 -16.45 -6.24 -16.49
N LEU C 153 -17.74 -5.95 -16.69
CA LEU C 153 -18.46 -6.50 -17.84
C LEU C 153 -17.95 -5.89 -19.15
N LEU C 154 -17.66 -4.59 -19.13
CA LEU C 154 -17.06 -3.92 -20.28
C LEU C 154 -15.67 -4.48 -20.61
N THR C 155 -14.88 -4.78 -19.57
CA THR C 155 -13.57 -5.37 -19.75
C THR C 155 -13.70 -6.74 -20.41
N MET C 156 -14.65 -7.54 -19.92
CA MET C 156 -14.91 -8.88 -20.50
CA MET C 156 -14.90 -8.87 -20.50
C MET C 156 -15.26 -8.75 -21.99
N SER C 157 -16.20 -7.86 -22.30
CA SER C 157 -16.68 -7.68 -23.69
C SER C 157 -15.55 -7.16 -24.58
N PHE C 158 -14.78 -6.20 -24.07
CA PHE C 158 -13.65 -5.64 -24.81
C PHE C 158 -12.63 -6.73 -25.15
N ALA C 159 -12.27 -7.57 -24.17
CA ALA C 159 -11.27 -8.60 -24.38
C ALA C 159 -11.76 -9.71 -25.30
N GLN C 160 -13.02 -10.11 -25.15
CA GLN C 160 -13.65 -11.19 -25.95
CA GLN C 160 -13.56 -11.21 -25.96
C GLN C 160 -13.71 -10.84 -27.44
N ARG C 161 -13.94 -9.55 -27.72
CA ARG C 161 -14.07 -9.06 -29.10
C ARG C 161 -12.74 -8.83 -29.83
N GLN C 162 -11.61 -9.06 -29.17
CA GLN C 162 -10.30 -8.87 -29.82
C GLN C 162 -9.85 -10.12 -30.58
N SER C 172 -0.32 -3.00 -32.93
CA SER C 172 -1.49 -2.83 -32.08
C SER C 172 -1.10 -2.34 -30.68
N ASN C 173 -1.91 -1.45 -30.11
CA ASN C 173 -1.69 -0.93 -28.75
C ASN C 173 -3.04 -0.89 -28.03
N LEU C 174 -3.44 -2.06 -27.52
CA LEU C 174 -4.74 -2.19 -26.83
C LEU C 174 -4.61 -1.90 -25.34
N SER C 175 -5.51 -1.08 -24.82
CA SER C 175 -5.48 -0.84 -23.38
C SER C 175 -6.81 -0.38 -22.82
N ILE C 176 -6.91 -0.59 -21.50
CA ILE C 176 -8.04 -0.14 -20.71
C ILE C 176 -7.53 0.81 -19.63
N VAL C 177 -8.26 1.89 -19.41
CA VAL C 177 -7.93 2.83 -18.33
C VAL C 177 -9.15 2.99 -17.44
N ASN C 178 -8.99 2.67 -16.16
CA ASN C 178 -10.04 2.81 -15.16
C ASN C 178 -9.88 4.05 -14.33
N LEU C 179 -10.94 4.82 -14.17
CA LEU C 179 -10.89 6.03 -13.36
C LEU C 179 -11.12 5.66 -11.90
N CYS C 180 -10.04 5.75 -11.12
CA CYS C 180 -9.97 5.28 -9.75
C CYS C 180 -10.20 6.48 -8.80
N ASP C 181 -9.60 6.46 -7.61
CA ASP C 181 -9.81 7.57 -6.66
C ASP C 181 -8.57 7.60 -5.78
N ALA C 182 -7.87 8.74 -5.78
CA ALA C 182 -6.63 8.85 -5.02
C ALA C 182 -6.86 8.81 -3.49
N MET C 183 -8.10 9.03 -3.06
CA MET C 183 -8.40 9.08 -1.63
C MET C 183 -9.03 7.79 -1.12
N VAL C 184 -8.83 6.70 -1.87
CA VAL C 184 -9.42 5.38 -1.60
C VAL C 184 -9.07 4.84 -0.20
N ASP C 185 -7.90 5.20 0.32
CA ASP C 185 -7.50 4.75 1.66
C ASP C 185 -7.65 5.78 2.77
N GLN C 186 -8.21 6.95 2.44
CA GLN C 186 -8.57 7.99 3.40
C GLN C 186 -9.96 8.47 3.03
N PRO C 187 -10.96 7.59 3.19
CA PRO C 187 -12.23 7.87 2.53
C PRO C 187 -13.07 8.97 3.16
N CSX C 188 -14.00 9.48 2.36
CA CSX C 188 -15.00 10.43 2.84
CB CSX C 188 -15.81 10.92 1.65
SG CSX C 188 -14.93 11.92 0.54
C CSX C 188 -15.91 9.73 3.84
O CSX C 188 -16.34 8.60 3.64
OD CSX C 188 -14.76 13.24 1.24
N MET C 189 -16.19 10.40 4.96
CA MET C 189 -17.12 9.91 5.97
C MET C 189 -18.50 9.62 5.36
N ALA C 190 -19.01 8.44 5.69
CA ALA C 190 -20.33 7.96 5.26
C ALA C 190 -20.43 7.61 3.78
N PHE C 191 -19.28 7.35 3.13
CA PHE C 191 -19.27 6.94 1.72
C PHE C 191 -18.84 5.48 1.56
N SER C 192 -19.32 4.58 2.44
CA SER C 192 -18.81 3.21 2.40
CA SER C 192 -18.87 3.17 2.41
C SER C 192 -19.06 2.50 1.08
N LEU C 193 -20.26 2.57 0.52
CA LEU C 193 -20.50 1.83 -0.73
C LEU C 193 -19.71 2.39 -1.91
N TYR C 194 -19.60 3.71 -1.98
CA TYR C 194 -18.76 4.34 -2.98
C TYR C 194 -17.31 3.85 -2.84
N ASN C 195 -16.79 3.88 -1.62
CA ASN C 195 -15.40 3.48 -1.37
C ASN C 195 -15.21 2.01 -1.70
N MET C 196 -16.20 1.17 -1.37
CA MET C 196 -16.13 -0.25 -1.68
C MET C 196 -16.02 -0.45 -3.18
N GLY C 197 -16.84 0.27 -3.95
CA GLY C 197 -16.80 0.21 -5.39
C GLY C 197 -15.46 0.61 -5.97
N LYS C 198 -14.87 1.69 -5.45
CA LYS C 198 -13.58 2.12 -5.97
C LYS C 198 -12.45 1.17 -5.58
N HIS C 199 -12.53 0.58 -4.39
CA HIS C 199 -11.59 -0.48 -4.06
C HIS C 199 -11.74 -1.67 -4.97
N ALA C 200 -12.98 -2.08 -5.24
CA ALA C 200 -13.23 -3.18 -6.20
C ALA C 200 -12.62 -2.85 -7.56
N LEU C 201 -12.66 -1.57 -7.97
CA LEU C 201 -12.10 -1.18 -9.27
C LEU C 201 -10.58 -1.32 -9.28
N VAL C 202 -9.91 -1.03 -8.15
CA VAL C 202 -8.47 -1.29 -8.05
C VAL C 202 -8.21 -2.79 -8.26
N GLY C 203 -9.02 -3.63 -7.59
CA GLY C 203 -8.88 -5.10 -7.75
C GLY C 203 -9.07 -5.52 -9.20
N LEU C 204 -10.06 -4.95 -9.88
CA LEU C 204 -10.28 -5.26 -11.30
C LEU C 204 -9.08 -4.83 -12.14
N THR C 205 -8.54 -3.64 -11.87
CA THR C 205 -7.40 -3.13 -12.62
C THR C 205 -6.24 -4.12 -12.53
N GLN C 206 -5.97 -4.62 -11.32
CA GLN C 206 -4.84 -5.51 -11.12
C GLN C 206 -5.13 -6.89 -11.69
N SER C 207 -6.33 -7.42 -11.42
CA SER C 207 -6.70 -8.77 -11.90
C SER C 207 -6.74 -8.81 -13.40
N ALA C 208 -7.30 -7.79 -14.03
CA ALA C 208 -7.43 -7.77 -15.49
C ALA C 208 -6.06 -7.51 -16.13
N ALA C 209 -5.22 -6.71 -15.49
CA ALA C 209 -3.87 -6.51 -16.03
C ALA C 209 -3.16 -7.85 -16.11
N LEU C 210 -3.27 -8.64 -15.04
CA LEU C 210 -2.61 -9.93 -15.01
C LEU C 210 -3.16 -10.89 -16.08
N GLU C 211 -4.47 -10.98 -16.15
CA GLU C 211 -5.14 -11.96 -16.98
C GLU C 211 -5.07 -11.59 -18.46
N LEU C 212 -5.06 -10.30 -18.76
CA LEU C 212 -5.10 -9.86 -20.16
C LEU C 212 -3.74 -9.56 -20.76
N ALA C 213 -2.69 -9.53 -19.94
CA ALA C 213 -1.33 -9.29 -20.43
C ALA C 213 -0.91 -10.26 -21.55
N PRO C 214 -1.25 -11.57 -21.44
CA PRO C 214 -0.95 -12.50 -22.55
C PRO C 214 -1.58 -12.12 -23.89
N TYR C 215 -2.68 -11.37 -23.86
CA TYR C 215 -3.41 -10.93 -25.05
C TYR C 215 -2.90 -9.58 -25.57
N GLY C 216 -1.88 -9.03 -24.90
CA GLY C 216 -1.34 -7.70 -25.21
C GLY C 216 -2.24 -6.54 -24.82
N ILE C 217 -3.18 -6.79 -23.91
CA ILE C 217 -4.08 -5.72 -23.46
C ILE C 217 -3.54 -5.22 -22.13
N ARG C 218 -3.15 -3.95 -22.09
CA ARG C 218 -2.68 -3.34 -20.83
C ARG C 218 -3.88 -2.78 -20.08
N VAL C 219 -3.82 -2.80 -18.74
CA VAL C 219 -4.93 -2.29 -17.92
C VAL C 219 -4.35 -1.45 -16.80
N ASN C 220 -4.74 -0.18 -16.78
CA ASN C 220 -4.17 0.79 -15.84
C ASN C 220 -5.26 1.66 -15.28
N GLY C 221 -4.88 2.48 -14.29
CA GLY C 221 -5.80 3.41 -13.68
C GLY C 221 -5.25 4.82 -13.58
N VAL C 222 -6.16 5.78 -13.49
CA VAL C 222 -5.85 7.16 -13.18
C VAL C 222 -6.73 7.52 -11.99
N ALA C 223 -6.08 8.01 -10.93
CA ALA C 223 -6.76 8.27 -9.66
C ALA C 223 -6.77 9.77 -9.36
N PRO C 224 -7.86 10.47 -9.69
CA PRO C 224 -7.94 11.89 -9.31
C PRO C 224 -8.10 12.09 -7.80
N GLY C 225 -7.66 13.26 -7.31
CA GLY C 225 -7.94 13.69 -5.94
C GLY C 225 -9.18 14.53 -6.01
N VAL C 226 -9.04 15.84 -5.85
CA VAL C 226 -10.13 16.77 -6.16
CA VAL C 226 -10.14 16.74 -6.18
C VAL C 226 -9.92 17.29 -7.58
N SER C 227 -10.92 17.05 -8.42
CA SER C 227 -10.95 17.58 -9.77
C SER C 227 -12.20 18.44 -9.79
N LEU C 228 -12.91 18.46 -10.92
CA LEU C 228 -14.19 19.19 -11.02
C LEU C 228 -15.14 18.79 -9.88
N LEU C 229 -15.45 19.78 -9.04
CA LEU C 229 -16.31 19.60 -7.89
C LEU C 229 -17.75 19.35 -8.33
N PRO C 230 -18.50 18.46 -7.61
CA PRO C 230 -19.94 18.30 -7.86
C PRO C 230 -20.68 19.64 -7.91
N VAL C 231 -21.57 19.77 -8.91
CA VAL C 231 -22.36 21.00 -9.15
C VAL C 231 -23.25 21.40 -7.98
N ALA C 232 -23.73 20.40 -7.23
CA ALA C 232 -24.53 20.59 -6.02
C ALA C 232 -23.74 21.23 -4.86
N MET C 233 -22.45 20.91 -4.77
CA MET C 233 -21.56 21.41 -3.71
C MET C 233 -21.38 22.94 -3.76
N GLY C 234 -21.55 23.58 -2.61
CA GLY C 234 -21.41 25.03 -2.46
C GLY C 234 -19.98 25.53 -2.60
N GLU C 235 -19.84 26.84 -2.79
CA GLU C 235 -18.55 27.48 -3.07
C GLU C 235 -17.56 27.47 -1.90
N GLU C 236 -18.08 27.63 -0.68
CA GLU C 236 -17.25 27.61 0.54
C GLU C 236 -16.66 26.22 0.81
N GLU C 237 -17.45 25.18 0.53
CA GLU C 237 -17.01 23.78 0.62
C GLU C 237 -15.97 23.42 -0.44
N LYS C 238 -16.11 24.00 -1.64
CA LYS C 238 -15.14 23.87 -2.74
C LYS C 238 -13.79 24.48 -2.36
N ASP C 239 -13.84 25.72 -1.87
CA ASP C 239 -12.65 26.46 -1.44
C ASP C 239 -11.93 25.77 -0.27
N LYS C 240 -12.70 25.21 0.65
CA LYS C 240 -12.19 24.43 1.78
C LYS C 240 -11.31 23.26 1.30
N TRP C 241 -11.76 22.54 0.28
CA TRP C 241 -10.99 21.43 -0.32
C TRP C 241 -9.78 21.92 -1.11
N ARG C 242 -9.96 23.02 -1.83
CA ARG C 242 -8.88 23.64 -2.60
C ARG C 242 -7.66 23.98 -1.74
N ARG C 243 -7.91 24.60 -0.58
CA ARG C 243 -6.85 25.05 0.34
CA ARG C 243 -6.84 25.04 0.33
C ARG C 243 -5.99 23.89 0.91
N LYS C 244 -6.51 22.67 0.83
CA LYS C 244 -5.79 21.48 1.35
C LYS C 244 -4.77 20.87 0.37
N VAL C 245 -4.87 21.25 -0.90
CA VAL C 245 -4.02 20.67 -1.96
C VAL C 245 -2.62 21.28 -1.96
N PRO C 246 -1.57 20.48 -1.75
CA PRO C 246 -0.21 21.07 -1.71
C PRO C 246 0.17 21.83 -2.97
N LEU C 247 -0.18 21.27 -4.13
CA LEU C 247 0.23 21.85 -5.40
C LEU C 247 -0.73 22.92 -5.92
N GLY C 248 -0.54 24.14 -5.44
CA GLY C 248 -1.28 25.32 -5.95
C GLY C 248 -2.68 25.50 -5.42
N ARG C 249 -3.04 24.77 -4.36
CA ARG C 249 -4.27 25.06 -3.59
C ARG C 249 -5.50 25.18 -4.50
N ARG C 250 -5.56 24.30 -5.49
CA ARG C 250 -6.62 24.29 -6.51
C ARG C 250 -6.91 22.85 -6.87
N GLU C 251 -8.12 22.63 -7.41
CA GLU C 251 -8.50 21.32 -7.95
C GLU C 251 -7.86 21.07 -9.33
N ALA C 252 -7.79 19.79 -9.71
CA ALA C 252 -7.33 19.42 -11.06
C ALA C 252 -8.36 19.90 -12.03
N SER C 253 -7.90 20.38 -13.17
CA SER C 253 -8.81 20.50 -14.31
C SER C 253 -9.11 19.08 -14.82
N ALA C 254 -10.23 18.95 -15.51
CA ALA C 254 -10.51 17.72 -16.24
C ALA C 254 -9.41 17.37 -17.25
N GLU C 255 -8.81 18.39 -17.85
CA GLU C 255 -7.78 18.17 -18.86
CA GLU C 255 -7.76 18.20 -18.86
C GLU C 255 -6.52 17.53 -18.26
N GLN C 256 -6.22 17.85 -17.00
CA GLN C 256 -5.07 17.27 -16.31
C GLN C 256 -5.26 15.77 -16.09
N ILE C 257 -6.50 15.41 -15.74
CA ILE C 257 -6.86 13.99 -15.65
C ILE C 257 -6.73 13.30 -17.01
N ALA C 258 -7.30 13.94 -18.04
CA ALA C 258 -7.21 13.43 -19.39
C ALA C 258 -5.78 13.22 -19.90
N ASP C 259 -4.86 14.13 -19.51
CA ASP C 259 -3.44 14.01 -19.88
C ASP C 259 -2.83 12.69 -19.40
N ALA C 260 -3.20 12.27 -18.19
CA ALA C 260 -2.70 10.99 -17.68
C ALA C 260 -3.27 9.78 -18.43
N VAL C 261 -4.55 9.88 -18.82
CA VAL C 261 -5.17 8.84 -19.65
C VAL C 261 -4.47 8.74 -20.99
N ILE C 262 -4.21 9.90 -21.61
CA ILE C 262 -3.51 9.97 -22.90
C ILE C 262 -2.12 9.30 -22.82
N PHE C 263 -1.39 9.59 -21.75
CA PHE C 263 -0.12 8.94 -21.56
C PHE C 263 -0.28 7.41 -21.50
N LEU C 264 -1.21 6.93 -20.68
CA LEU C 264 -1.35 5.49 -20.48
C LEU C 264 -1.78 4.71 -21.73
N VAL C 265 -2.51 5.36 -22.63
CA VAL C 265 -2.92 4.69 -23.86
C VAL C 265 -1.84 4.78 -24.95
N SER C 266 -0.87 5.68 -24.75
CA SER C 266 0.15 5.98 -25.76
C SER C 266 1.23 4.91 -25.88
N GLY C 267 2.03 5.01 -26.94
CA GLY C 267 3.20 4.19 -27.16
C GLY C 267 4.28 4.38 -26.09
N SER C 268 4.23 5.52 -25.40
CA SER C 268 5.16 5.82 -24.28
C SER C 268 4.85 5.05 -23.01
N ALA C 269 3.80 4.22 -23.03
CA ALA C 269 3.37 3.44 -21.85
C ALA C 269 3.26 1.96 -22.18
N GLN C 270 3.97 1.53 -23.22
CA GLN C 270 3.76 0.17 -23.73
C GLN C 270 4.23 -0.96 -22.81
N TYR C 271 5.03 -0.64 -21.79
CA TYR C 271 5.41 -1.65 -20.80
C TYR C 271 4.65 -1.49 -19.48
N ILE C 272 3.74 -0.52 -19.44
CA ILE C 272 3.01 -0.21 -18.20
C ILE C 272 1.67 -0.95 -18.18
N THR C 273 1.51 -1.84 -17.20
CA THR C 273 0.22 -2.49 -16.95
C THR C 273 0.06 -2.74 -15.45
N GLY C 274 -1.17 -2.58 -14.96
CA GLY C 274 -1.45 -2.76 -13.53
C GLY C 274 -1.07 -1.56 -12.67
N SER C 275 -0.78 -0.43 -13.31
CA SER C 275 -0.35 0.78 -12.60
C SER C 275 -1.49 1.74 -12.46
N ILE C 276 -1.54 2.41 -11.31
CA ILE C 276 -2.52 3.45 -11.07
C ILE C 276 -1.76 4.72 -10.80
N ILE C 277 -1.94 5.72 -11.67
CA ILE C 277 -1.26 7.00 -11.55
C ILE C 277 -2.16 7.98 -10.79
N LYS C 278 -1.72 8.44 -9.62
CA LYS C 278 -2.45 9.51 -8.90
C LYS C 278 -2.24 10.83 -9.60
N VAL C 279 -3.33 11.57 -9.75
CA VAL C 279 -3.31 12.93 -10.28
C VAL C 279 -4.08 13.78 -9.30
N ASP C 280 -3.40 14.12 -8.21
CA ASP C 280 -4.10 14.67 -7.04
C ASP C 280 -3.39 15.88 -6.41
N GLY C 281 -2.35 16.40 -7.07
CA GLY C 281 -1.65 17.61 -6.54
C GLY C 281 -1.06 17.39 -5.17
N GLY C 282 -0.82 16.13 -4.79
CA GLY C 282 -0.28 15.78 -3.48
C GLY C 282 -1.31 15.61 -2.37
N LEU C 283 -2.61 15.71 -2.68
CA LEU C 283 -3.63 15.70 -1.63
C LEU C 283 -3.59 14.47 -0.71
N SER C 284 -3.32 13.30 -1.30
CA SER C 284 -3.30 12.06 -0.53
C SER C 284 -2.14 11.97 0.44
N LEU C 285 -1.17 12.86 0.29
CA LEU C 285 -0.02 12.90 1.18
C LEU C 285 -0.29 13.71 2.45
N VAL C 286 -1.43 14.39 2.52
CA VAL C 286 -1.65 15.37 3.57
C VAL C 286 -2.35 14.72 4.76
N HIS C 287 -1.69 14.74 5.93
CA HIS C 287 -2.32 14.17 7.13
C HIS C 287 -3.48 15.05 7.63
N ALA C 288 -4.33 14.43 8.45
CA ALA C 288 -5.47 15.10 9.10
C ALA C 288 -5.04 16.28 9.95
N GLU D 22 15.38 30.15 -24.17
CA GLU D 22 16.44 29.38 -23.45
C GLU D 22 15.94 27.98 -23.11
N ALA D 23 16.76 26.98 -23.43
CA ALA D 23 16.45 25.58 -23.16
C ALA D 23 16.54 25.27 -21.65
N PRO D 24 15.57 24.49 -21.12
CA PRO D 24 15.71 24.09 -19.71
C PRO D 24 16.89 23.12 -19.53
N ALA D 25 17.29 22.92 -18.27
CA ALA D 25 18.42 22.05 -17.97
C ALA D 25 18.07 20.96 -16.96
N ALA D 26 18.70 19.81 -17.12
CA ALA D 26 18.44 18.64 -16.24
C ALA D 26 19.75 18.05 -15.76
N VAL D 27 19.74 17.58 -14.50
CA VAL D 27 20.80 16.71 -13.96
C VAL D 27 20.30 15.27 -13.96
N VAL D 28 21.07 14.36 -14.52
CA VAL D 28 20.79 12.91 -14.42
C VAL D 28 21.95 12.23 -13.72
N THR D 29 21.69 11.63 -12.57
CA THR D 29 22.78 10.88 -11.90
C THR D 29 22.96 9.48 -12.47
N GLY D 30 24.21 9.00 -12.46
CA GLY D 30 24.53 7.71 -13.04
C GLY D 30 24.10 7.61 -14.50
N ALA D 31 24.44 8.64 -15.27
CA ALA D 31 23.94 8.81 -16.66
C ALA D 31 24.83 8.29 -17.77
N ALA D 32 25.97 7.68 -17.42
CA ALA D 32 26.91 7.23 -18.47
C ALA D 32 26.41 6.02 -19.22
N LYS D 33 25.64 5.17 -18.54
CA LYS D 33 25.28 3.85 -19.06
C LYS D 33 23.83 3.51 -18.76
N ARG D 34 23.30 2.54 -19.50
CA ARG D 34 22.06 1.81 -19.16
C ARG D 34 20.87 2.77 -19.00
N ILE D 35 20.11 2.67 -17.90
CA ILE D 35 18.87 3.47 -17.81
C ILE D 35 19.15 4.98 -17.75
N GLY D 36 20.15 5.38 -16.97
CA GLY D 36 20.46 6.80 -16.85
C GLY D 36 20.87 7.43 -18.19
N ARG D 37 21.64 6.68 -18.98
CA ARG D 37 22.01 7.15 -20.31
C ARG D 37 20.76 7.37 -21.17
N ALA D 38 19.84 6.41 -21.15
CA ALA D 38 18.64 6.53 -21.94
C ALA D 38 17.77 7.71 -21.50
N ILE D 39 17.74 7.98 -20.19
CA ILE D 39 17.04 9.15 -19.68
C ILE D 39 17.69 10.44 -20.18
N ALA D 40 19.03 10.52 -20.09
CA ALA D 40 19.76 11.72 -20.54
C ALA D 40 19.54 11.96 -22.05
N VAL D 41 19.61 10.89 -22.83
CA VAL D 41 19.36 10.97 -24.28
C VAL D 41 17.95 11.49 -24.56
N LYS D 42 16.94 10.89 -23.92
CA LYS D 42 15.56 11.32 -24.17
C LYS D 42 15.27 12.74 -23.69
N LEU D 43 15.82 13.15 -22.54
CA LEU D 43 15.68 14.54 -22.12
C LEU D 43 16.29 15.51 -23.16
N HIS D 44 17.48 15.15 -23.61
CA HIS D 44 18.18 15.95 -24.64
C HIS D 44 17.34 16.05 -25.92
N GLN D 45 16.75 14.92 -26.35
CA GLN D 45 15.88 14.91 -27.52
C GLN D 45 14.62 15.75 -27.35
N THR D 46 14.16 15.88 -26.11
CA THR D 46 13.01 16.70 -25.73
C THR D 46 13.32 18.20 -25.70
N GLY D 47 14.61 18.56 -25.66
CA GLY D 47 15.01 19.97 -25.66
C GLY D 47 15.83 20.42 -24.46
N TYR D 48 16.11 19.50 -23.54
CA TYR D 48 16.90 19.83 -22.35
C TYR D 48 18.40 19.86 -22.64
N ARG D 49 19.08 20.78 -21.97
CA ARG D 49 20.53 20.67 -21.76
C ARG D 49 20.74 19.74 -20.56
N VAL D 50 21.80 18.92 -20.60
CA VAL D 50 21.97 17.87 -19.59
CA VAL D 50 21.97 17.86 -19.59
C VAL D 50 23.33 17.86 -18.92
N VAL D 51 23.32 17.69 -17.59
CA VAL D 51 24.51 17.31 -16.84
C VAL D 51 24.49 15.80 -16.71
N ILE D 52 25.51 15.16 -17.26
CA ILE D 52 25.73 13.72 -17.21
C ILE D 52 26.60 13.43 -16.01
N HIS D 53 25.99 13.08 -14.89
CA HIS D 53 26.77 12.65 -13.75
C HIS D 53 27.28 11.20 -13.92
N TYR D 54 28.49 10.95 -13.46
CA TYR D 54 29.07 9.60 -13.44
C TYR D 54 30.01 9.44 -12.25
N HIS D 55 30.39 8.20 -11.97
CA HIS D 55 31.33 7.92 -10.90
C HIS D 55 32.59 7.32 -11.51
N ASN D 56 32.51 6.09 -11.98
CA ASN D 56 33.65 5.40 -12.57
C ASN D 56 33.67 5.45 -14.10
N SER D 57 32.52 5.60 -14.74
CA SER D 57 32.43 5.43 -16.20
C SER D 57 32.75 6.71 -16.97
N ALA D 58 34.02 7.15 -16.87
CA ALA D 58 34.47 8.42 -17.45
C ALA D 58 34.41 8.43 -18.97
N GLU D 59 34.95 7.38 -19.59
CA GLU D 59 34.95 7.25 -21.06
C GLU D 59 33.54 7.28 -21.64
N ALA D 60 32.62 6.49 -21.07
CA ALA D 60 31.22 6.46 -21.50
C ALA D 60 30.50 7.80 -21.30
N ALA D 61 30.81 8.48 -20.20
CA ALA D 61 30.19 9.77 -19.90
C ALA D 61 30.63 10.83 -20.91
N VAL D 62 31.94 10.88 -21.14
CA VAL D 62 32.52 11.82 -22.10
C VAL D 62 32.02 11.52 -23.53
N SER D 63 31.94 10.25 -23.89
CA SER D 63 31.41 9.82 -25.18
C SER D 63 29.94 10.22 -25.40
N LEU D 64 29.12 10.09 -24.37
CA LEU D 64 27.73 10.53 -24.46
C LEU D 64 27.63 12.04 -24.64
N ALA D 65 28.40 12.79 -23.85
CA ALA D 65 28.40 14.25 -23.92
C ALA D 65 28.82 14.72 -25.32
N ASP D 66 29.82 14.05 -25.89
CA ASP D 66 30.29 14.34 -27.26
C ASP D 66 29.19 14.16 -28.28
N GLU D 67 28.49 13.02 -28.19
CA GLU D 67 27.38 12.68 -29.07
C GLU D 67 26.26 13.70 -28.98
N LEU D 68 25.91 14.10 -27.76
CA LEU D 68 24.85 15.09 -27.57
C LEU D 68 25.25 16.48 -28.06
N ASN D 69 26.51 16.83 -27.85
CA ASN D 69 27.00 18.14 -28.27
C ASN D 69 27.19 18.23 -29.78
N LYS D 70 27.49 17.10 -30.42
CA LYS D 70 27.50 17.03 -31.88
C LYS D 70 26.13 17.40 -32.45
N GLU D 71 25.06 16.96 -31.78
CA GLU D 71 23.69 17.29 -32.16
C GLU D 71 23.32 18.78 -31.95
N ARG D 72 23.62 19.33 -30.79
CA ARG D 72 23.44 20.77 -30.52
C ARG D 72 24.59 21.18 -29.61
N SER D 73 25.45 22.08 -30.07
CA SER D 73 26.63 22.49 -29.31
CA SER D 73 26.63 22.46 -29.30
C SER D 73 26.27 23.07 -27.95
N ASN D 74 27.12 22.81 -26.95
CA ASN D 74 26.99 23.39 -25.60
C ASN D 74 25.70 22.98 -24.88
N THR D 75 25.29 21.73 -25.06
CA THR D 75 24.04 21.28 -24.43
C THR D 75 24.27 20.11 -23.48
N ALA D 76 25.52 19.68 -23.32
CA ALA D 76 25.84 18.54 -22.46
C ALA D 76 27.19 18.73 -21.79
N VAL D 77 27.25 18.46 -20.49
CA VAL D 77 28.51 18.46 -19.74
C VAL D 77 28.51 17.23 -18.86
N VAL D 78 29.70 16.78 -18.45
CA VAL D 78 29.83 15.70 -17.48
C VAL D 78 30.19 16.25 -16.11
N CYS D 79 29.90 15.46 -15.07
CA CYS D 79 30.20 15.84 -13.68
C CYS D 79 30.50 14.56 -12.90
N GLN D 80 31.73 14.42 -12.41
CA GLN D 80 32.15 13.21 -11.69
C GLN D 80 31.88 13.40 -10.21
N ALA D 81 31.27 12.37 -9.60
CA ALA D 81 31.11 12.32 -8.14
C ALA D 81 30.79 10.93 -7.61
N ASP D 82 31.41 10.60 -6.48
CA ASP D 82 31.05 9.44 -5.68
C ASP D 82 29.85 9.81 -4.82
N LEU D 83 28.78 9.01 -4.92
CA LEU D 83 27.56 9.24 -4.16
C LEU D 83 27.40 8.32 -2.92
N THR D 84 28.49 7.64 -2.55
CA THR D 84 28.58 6.94 -1.28
C THR D 84 28.40 7.93 -0.13
N ASN D 85 27.69 7.53 0.92
CA ASN D 85 27.59 8.40 2.06
C ASN D 85 28.93 8.63 2.78
N SER D 86 29.14 9.89 3.15
CA SER D 86 30.31 10.32 3.95
C SER D 86 30.05 11.74 4.39
N ASN D 87 30.94 12.27 5.21
CA ASN D 87 30.77 13.66 5.67
C ASN D 87 30.96 14.70 4.57
N VAL D 88 31.47 14.28 3.41
CA VAL D 88 31.59 15.17 2.24
CA VAL D 88 31.66 15.14 2.23
C VAL D 88 30.52 14.98 1.20
N LEU D 89 29.65 13.99 1.38
CA LEU D 89 28.57 13.80 0.40
C LEU D 89 27.71 15.08 0.19
N PRO D 90 27.37 15.84 1.28
CA PRO D 90 26.59 17.06 1.01
C PRO D 90 27.31 18.04 0.06
N ALA D 91 28.62 18.18 0.22
CA ALA D 91 29.40 19.02 -0.69
C ALA D 91 29.40 18.51 -2.12
N SER D 92 29.52 17.19 -2.29
CA SER D 92 29.47 16.58 -3.62
C SER D 92 28.12 16.80 -4.31
N CYS D 93 27.06 16.67 -3.54
CA CYS D 93 25.71 16.87 -4.07
C CYS D 93 25.46 18.34 -4.41
N GLU D 94 25.93 19.25 -3.56
CA GLU D 94 25.87 20.68 -3.87
C GLU D 94 26.64 20.99 -5.15
N GLU D 95 27.81 20.35 -5.32
CA GLU D 95 28.61 20.55 -6.53
C GLU D 95 27.94 20.07 -7.81
N ILE D 96 27.24 18.93 -7.75
CA ILE D 96 26.51 18.42 -8.91
C ILE D 96 25.47 19.45 -9.37
N ILE D 97 24.69 19.96 -8.42
CA ILE D 97 23.67 20.97 -8.76
C ILE D 97 24.36 22.25 -9.24
N ASN D 98 25.44 22.65 -8.55
CA ASN D 98 26.21 23.82 -8.99
C ASN D 98 26.73 23.70 -10.40
N SER D 99 27.14 22.49 -10.81
CA SER D 99 27.66 22.23 -12.16
CA SER D 99 27.67 22.27 -12.15
C SER D 99 26.62 22.55 -13.22
N CYS D 100 25.36 22.30 -12.89
CA CYS D 100 24.27 22.61 -13.82
C CYS D 100 24.10 24.10 -13.98
N PHE D 101 24.13 24.84 -12.87
CA PHE D 101 24.05 26.30 -12.91
C PHE D 101 25.26 26.92 -13.61
N ARG D 102 26.45 26.36 -13.36
CA ARG D 102 27.69 26.84 -14.01
C ARG D 102 27.61 26.72 -15.54
N ALA D 103 27.19 25.55 -16.01
CA ALA D 103 27.14 25.27 -17.44
C ALA D 103 25.98 25.97 -18.14
N PHE D 104 24.81 26.02 -17.49
CA PHE D 104 23.55 26.38 -18.15
C PHE D 104 22.74 27.53 -17.55
N GLY D 105 23.15 28.01 -16.37
CA GLY D 105 22.50 29.14 -15.72
C GLY D 105 21.17 28.85 -15.05
N ARG D 106 20.78 27.57 -15.04
CA ARG D 106 19.49 27.14 -14.46
C ARG D 106 19.54 25.64 -14.22
N CYS D 107 18.60 25.14 -13.43
CA CYS D 107 18.46 23.68 -13.20
C CYS D 107 16.99 23.39 -12.97
N ASP D 108 16.36 22.77 -13.97
CA ASP D 108 14.90 22.60 -14.00
C ASP D 108 14.47 21.23 -13.51
N VAL D 109 15.30 20.24 -13.78
CA VAL D 109 14.95 18.82 -13.57
C VAL D 109 16.12 18.12 -12.91
N LEU D 110 15.80 17.34 -11.86
CA LEU D 110 16.77 16.43 -11.24
C LEU D 110 16.23 15.02 -11.37
N VAL D 111 17.01 14.12 -11.95
CA VAL D 111 16.66 12.70 -12.00
C VAL D 111 17.66 11.92 -11.14
N ASN D 112 17.16 11.34 -10.04
CA ASN D 112 17.96 10.51 -9.15
C ASN D 112 17.94 9.08 -9.62
N ASN D 113 18.91 8.71 -10.44
CA ASN D 113 18.97 7.43 -11.09
C ASN D 113 20.10 6.55 -10.56
N ALA D 114 21.22 7.15 -10.14
CA ALA D 114 22.40 6.36 -9.70
C ALA D 114 22.03 5.40 -8.57
N SER D 115 22.62 4.22 -8.58
CA SER D 115 22.26 3.21 -7.58
C SER D 115 23.29 2.14 -7.47
N ALA D 116 23.63 1.78 -6.23
CA ALA D 116 24.38 0.58 -5.92
C ALA D 116 23.40 -0.56 -5.65
N PHE D 117 23.76 -1.78 -6.06
CA PHE D 117 22.88 -2.93 -6.00
C PHE D 117 23.69 -4.20 -5.87
N TYR D 118 23.63 -4.82 -4.69
CA TYR D 118 24.33 -6.09 -4.41
C TYR D 118 23.78 -6.65 -3.11
N PRO D 119 23.90 -7.97 -2.89
CA PRO D 119 23.38 -8.57 -1.68
C PRO D 119 24.17 -8.24 -0.42
N THR D 120 23.45 -8.19 0.69
CA THR D 120 23.98 -7.98 2.03
C THR D 120 23.29 -8.97 2.96
N PRO D 121 23.68 -10.26 2.93
CA PRO D 121 22.98 -11.26 3.78
C PRO D 121 23.03 -10.93 5.27
N LEU D 122 21.94 -11.25 5.97
CA LEU D 122 21.87 -11.03 7.41
C LEU D 122 22.64 -12.06 8.20
N VAL D 123 22.80 -13.26 7.62
CA VAL D 123 23.48 -14.37 8.31
C VAL D 123 24.69 -14.77 7.49
N GLN D 124 25.84 -14.86 8.17
CA GLN D 124 27.12 -15.12 7.53
C GLN D 124 27.58 -16.57 7.75
N GLY D 133 34.64 -8.21 0.31
CA GLY D 133 35.78 -7.52 0.93
C GLY D 133 35.40 -6.25 1.69
N LYS D 134 34.14 -5.84 1.54
CA LYS D 134 33.64 -4.59 2.12
C LYS D 134 33.15 -4.79 3.56
N THR D 135 33.47 -3.82 4.42
CA THR D 135 32.89 -3.80 5.77
C THR D 135 31.40 -3.49 5.64
N VAL D 136 30.64 -3.87 6.67
CA VAL D 136 29.20 -3.59 6.67
CA VAL D 136 29.22 -3.60 6.70
C VAL D 136 28.96 -2.09 6.65
N GLU D 137 29.80 -1.29 7.32
CA GLU D 137 29.60 0.17 7.27
C GLU D 137 29.82 0.75 5.86
N THR D 138 30.75 0.17 5.11
CA THR D 138 30.90 0.53 3.68
C THR D 138 29.65 0.15 2.87
N GLN D 139 29.10 -1.03 3.13
CA GLN D 139 27.89 -1.45 2.44
C GLN D 139 26.72 -0.51 2.77
N VAL D 140 26.60 -0.13 4.04
CA VAL D 140 25.59 0.87 4.43
C VAL D 140 25.82 2.19 3.68
N ALA D 141 27.06 2.68 3.70
CA ALA D 141 27.39 3.93 3.03
C ALA D 141 27.08 3.91 1.53
N GLU D 142 27.38 2.78 0.86
CA GLU D 142 27.14 2.66 -0.57
C GLU D 142 25.66 2.47 -0.91
N LEU D 143 24.99 1.53 -0.25
CA LEU D 143 23.62 1.17 -0.63
C LEU D 143 22.63 2.21 -0.13
N ILE D 144 22.79 2.66 1.11
CA ILE D 144 21.90 3.70 1.63
C ILE D 144 22.31 5.06 1.07
N GLY D 145 23.60 5.31 0.91
CA GLY D 145 24.06 6.58 0.34
C GLY D 145 23.59 6.83 -1.07
N THR D 146 23.87 5.90 -1.98
CA THR D 146 23.49 6.10 -3.38
C THR D 146 22.00 6.12 -3.58
N ASN D 147 21.29 5.18 -2.92
CA ASN D 147 19.87 5.03 -3.19
C ASN D 147 18.96 5.99 -2.45
N ALA D 148 19.45 6.57 -1.36
CA ALA D 148 18.59 7.43 -0.53
C ALA D 148 19.20 8.73 -0.06
N ILE D 149 20.38 8.69 0.57
CA ILE D 149 20.96 9.90 1.15
CA ILE D 149 20.92 9.92 1.15
C ILE D 149 21.37 10.90 0.06
N ALA D 150 22.05 10.41 -0.97
CA ALA D 150 22.44 11.31 -2.10
C ALA D 150 21.17 11.92 -2.76
N PRO D 151 20.13 11.12 -3.03
CA PRO D 151 18.90 11.77 -3.52
C PRO D 151 18.35 12.85 -2.60
N PHE D 152 18.41 12.62 -1.28
CA PHE D 152 17.94 13.62 -0.33
C PHE D 152 18.79 14.89 -0.42
N LEU D 153 20.10 14.73 -0.45
CA LEU D 153 20.99 15.91 -0.45
C LEU D 153 20.93 16.66 -1.78
N LEU D 154 20.82 15.92 -2.88
CA LEU D 154 20.59 16.52 -4.21
C LEU D 154 19.28 17.27 -4.27
N THR D 155 18.24 16.72 -3.63
CA THR D 155 16.95 17.41 -3.53
C THR D 155 17.08 18.70 -2.75
N MET D 156 17.76 18.67 -1.61
CA MET D 156 17.99 19.90 -0.82
CA MET D 156 17.99 19.88 -0.82
C MET D 156 18.71 20.96 -1.65
N SER D 157 19.78 20.54 -2.32
CA SER D 157 20.61 21.49 -3.10
C SER D 157 19.82 22.05 -4.26
N PHE D 158 19.06 21.19 -4.95
CA PHE D 158 18.20 21.61 -6.05
C PHE D 158 17.20 22.65 -5.58
N ALA D 159 16.53 22.37 -4.47
CA ALA D 159 15.50 23.30 -3.97
C ALA D 159 16.10 24.61 -3.50
N GLN D 160 17.24 24.52 -2.82
CA GLN D 160 17.85 25.73 -2.22
C GLN D 160 18.37 26.65 -3.31
N ARG D 161 18.84 26.08 -4.42
CA ARG D 161 19.40 26.89 -5.54
C ARG D 161 18.35 27.57 -6.40
N GLN D 162 17.07 27.26 -6.22
CA GLN D 162 16.01 27.88 -7.05
C GLN D 162 15.74 29.33 -6.64
N SER D 172 7.55 28.33 -14.23
CA SER D 172 8.30 27.35 -15.01
C SER D 172 7.76 25.94 -14.76
N ASN D 173 8.61 24.91 -14.88
CA ASN D 173 8.19 23.52 -14.69
C ASN D 173 9.31 22.72 -14.01
N LEU D 174 9.47 22.95 -12.72
CA LEU D 174 10.54 22.32 -11.96
C LEU D 174 10.08 20.97 -11.44
N SER D 175 10.91 19.95 -11.61
CA SER D 175 10.55 18.67 -11.00
C SER D 175 11.72 17.75 -10.76
N ILE D 176 11.45 16.79 -9.88
CA ILE D 176 12.45 15.79 -9.53
C ILE D 176 11.80 14.44 -9.80
N VAL D 177 12.59 13.52 -10.36
CA VAL D 177 12.11 12.12 -10.62
C VAL D 177 13.10 11.18 -9.99
N ASN D 178 12.60 10.36 -9.07
CA ASN D 178 13.41 9.35 -8.38
C ASN D 178 13.20 7.98 -8.98
N LEU D 179 14.27 7.25 -9.29
CA LEU D 179 14.16 5.87 -9.79
C LEU D 179 14.04 4.93 -8.62
N CYS D 180 12.86 4.37 -8.51
CA CYS D 180 12.44 3.53 -7.40
C CYS D 180 12.53 2.07 -7.83
N ASP D 181 11.70 1.21 -7.26
CA ASP D 181 11.79 -0.23 -7.57
C ASP D 181 10.41 -0.80 -7.38
N ALA D 182 9.84 -1.36 -8.45
CA ALA D 182 8.46 -1.91 -8.37
C ALA D 182 8.35 -3.14 -7.42
N MET D 183 9.48 -3.78 -7.14
CA MET D 183 9.50 -5.00 -6.33
C MET D 183 9.87 -4.78 -4.87
N VAL D 184 9.73 -3.54 -4.41
CA VAL D 184 10.14 -3.12 -3.07
C VAL D 184 9.38 -3.88 -1.94
N ASP D 185 8.17 -4.36 -2.22
CA ASP D 185 7.41 -5.11 -1.22
C ASP D 185 7.43 -6.61 -1.45
N GLN D 186 8.16 -7.06 -2.47
CA GLN D 186 8.39 -8.48 -2.70
C GLN D 186 9.89 -8.65 -2.99
N PRO D 187 10.74 -8.41 -1.98
CA PRO D 187 12.15 -8.17 -2.29
C PRO D 187 12.96 -9.41 -2.62
N CSX D 188 14.10 -9.19 -3.26
CA CSX D 188 15.08 -10.26 -3.49
CB CSX D 188 16.27 -9.72 -4.29
SG CSX D 188 15.88 -9.34 -5.91
C CSX D 188 15.61 -10.70 -2.16
O CSX D 188 15.97 -9.88 -1.31
OD CSX D 188 15.62 -10.65 -6.58
N MET D 189 15.70 -12.01 -1.98
CA MET D 189 16.34 -12.61 -0.83
C MET D 189 17.76 -12.05 -0.61
N ALA D 190 18.07 -11.65 0.63
CA ALA D 190 19.44 -11.20 1.03
C ALA D 190 19.84 -9.83 0.52
N PHE D 191 18.85 -9.02 0.11
CA PHE D 191 19.09 -7.64 -0.34
C PHE D 191 18.53 -6.62 0.66
N SER D 192 18.65 -6.87 1.97
CA SER D 192 18.00 -5.97 2.92
CA SER D 192 18.07 -5.97 2.97
C SER D 192 18.47 -4.52 2.81
N LEU D 193 19.77 -4.25 2.73
CA LEU D 193 20.22 -2.85 2.68
C LEU D 193 19.77 -2.14 1.40
N TYR D 194 19.84 -2.82 0.26
CA TYR D 194 19.30 -2.27 -0.96
C TYR D 194 17.81 -1.93 -0.82
N ASN D 195 17.04 -2.88 -0.28
N ASN D 195 17.03 -2.87 -0.28
CA ASN D 195 15.60 -2.70 -0.12
CA ASN D 195 15.59 -2.65 -0.13
C ASN D 195 15.29 -1.56 0.85
C ASN D 195 15.24 -1.56 0.88
N MET D 196 16.06 -1.45 1.93
CA MET D 196 15.91 -0.36 2.89
C MET D 196 16.14 0.97 2.17
N GLY D 197 17.16 1.04 1.31
CA GLY D 197 17.46 2.29 0.59
C GLY D 197 16.35 2.67 -0.34
N LYS D 198 15.80 1.71 -1.07
CA LYS D 198 14.70 1.99 -1.99
C LYS D 198 13.42 2.35 -1.26
N HIS D 199 13.13 1.71 -0.12
CA HIS D 199 11.99 2.15 0.68
C HIS D 199 12.20 3.58 1.16
N ALA D 200 13.42 3.91 1.62
CA ALA D 200 13.71 5.28 2.06
C ALA D 200 13.46 6.26 0.90
N LEU D 201 13.77 5.85 -0.32
CA LEU D 201 13.56 6.71 -1.48
C LEU D 201 12.07 6.98 -1.74
N VAL D 202 11.20 5.99 -1.50
CA VAL D 202 9.74 6.23 -1.54
C VAL D 202 9.38 7.30 -0.50
N GLY D 203 9.93 7.17 0.72
CA GLY D 203 9.65 8.17 1.78
C GLY D 203 10.11 9.55 1.37
N LEU D 204 11.29 9.64 0.76
CA LEU D 204 11.79 10.93 0.27
C LEU D 204 10.85 11.50 -0.79
N THR D 205 10.44 10.68 -1.74
CA THR D 205 9.56 11.13 -2.83
C THR D 205 8.30 11.76 -2.24
N GLN D 206 7.69 11.09 -1.27
CA GLN D 206 6.46 11.62 -0.67
C GLN D 206 6.72 12.86 0.18
N SER D 207 7.74 12.82 1.05
CA SER D 207 8.03 13.94 1.94
C SER D 207 8.45 15.16 1.16
N ALA D 208 9.31 14.99 0.17
CA ALA D 208 9.72 16.14 -0.65
C ALA D 208 8.59 16.66 -1.52
N ALA D 209 7.72 15.80 -2.03
CA ALA D 209 6.56 16.30 -2.79
C ALA D 209 5.74 17.21 -1.90
N LEU D 210 5.49 16.78 -0.65
CA LEU D 210 4.69 17.59 0.27
C LEU D 210 5.36 18.92 0.58
N GLU D 211 6.64 18.87 0.90
CA GLU D 211 7.35 20.07 1.36
C GLU D 211 7.71 21.05 0.25
N LEU D 212 7.95 20.54 -0.95
CA LEU D 212 8.36 21.39 -2.08
C LEU D 212 7.23 21.89 -2.97
N ALA D 213 6.03 21.33 -2.78
CA ALA D 213 4.86 21.79 -3.58
C ALA D 213 4.60 23.31 -3.50
N PRO D 214 4.72 23.93 -2.30
CA PRO D 214 4.50 25.40 -2.32
C PRO D 214 5.56 26.20 -3.10
N TYR D 215 6.67 25.57 -3.48
CA TYR D 215 7.70 26.21 -4.32
C TYR D 215 7.55 25.85 -5.79
N GLY D 216 6.48 25.12 -6.12
CA GLY D 216 6.21 24.68 -7.48
C GLY D 216 7.12 23.57 -8.00
N ILE D 217 7.78 22.86 -7.09
CA ILE D 217 8.65 21.74 -7.50
C ILE D 217 7.86 20.45 -7.26
N ARG D 218 7.63 19.70 -8.34
CA ARG D 218 6.94 18.39 -8.23
C ARG D 218 7.97 17.30 -8.01
N VAL D 219 7.60 16.28 -7.24
CA VAL D 219 8.53 15.19 -6.96
C VAL D 219 7.80 13.88 -7.15
N ASN D 220 8.30 13.04 -8.05
CA ASN D 220 7.63 11.80 -8.42
C ASN D 220 8.64 10.72 -8.59
N GLY D 221 8.17 9.50 -8.79
CA GLY D 221 9.04 8.35 -9.03
C GLY D 221 8.63 7.50 -10.19
N VAL D 222 9.61 6.78 -10.71
CA VAL D 222 9.41 5.75 -11.74
C VAL D 222 10.01 4.49 -11.15
N ALA D 223 9.21 3.42 -11.12
CA ALA D 223 9.58 2.15 -10.48
C ALA D 223 9.65 1.01 -11.51
N PRO D 224 10.85 0.73 -12.02
CA PRO D 224 11.04 -0.42 -12.93
C PRO D 224 10.84 -1.73 -12.18
N GLY D 225 10.42 -2.77 -12.91
CA GLY D 225 10.43 -4.14 -12.43
C GLY D 225 11.76 -4.76 -12.81
N VAL D 226 11.77 -5.55 -13.88
CA VAL D 226 13.00 -6.00 -14.50
CA VAL D 226 13.04 -5.93 -14.47
C VAL D 226 13.20 -5.16 -15.76
N SER D 227 14.33 -4.48 -15.85
CA SER D 227 14.68 -3.73 -17.02
C SER D 227 16.01 -4.36 -17.39
N LEU D 228 16.96 -3.55 -17.83
CA LEU D 228 18.27 -4.07 -18.25
C LEU D 228 18.90 -4.88 -17.13
N LEU D 229 19.11 -6.15 -17.42
CA LEU D 229 19.56 -7.12 -16.43
C LEU D 229 21.04 -6.92 -16.10
N PRO D 230 21.48 -7.29 -14.87
CA PRO D 230 22.90 -7.11 -14.49
C PRO D 230 23.88 -7.78 -15.48
N VAL D 231 24.98 -7.06 -15.75
CA VAL D 231 26.04 -7.50 -16.68
C VAL D 231 26.64 -8.88 -16.29
N ALA D 232 26.88 -9.07 -14.99
CA ALA D 232 27.46 -10.30 -14.43
C ALA D 232 26.58 -11.55 -14.58
N MET D 233 25.28 -11.35 -14.79
CA MET D 233 24.29 -12.43 -14.83
C MET D 233 24.36 -13.25 -16.12
N GLY D 234 24.32 -14.58 -15.97
CA GLY D 234 24.29 -15.54 -17.10
C GLY D 234 22.97 -15.56 -17.85
N GLU D 235 22.96 -16.20 -19.02
CA GLU D 235 21.82 -16.15 -19.95
C GLU D 235 20.59 -16.93 -19.50
N GLU D 236 20.79 -18.14 -18.96
CA GLU D 236 19.70 -18.97 -18.44
C GLU D 236 18.96 -18.29 -17.28
N GLU D 237 19.71 -17.58 -16.44
CA GLU D 237 19.16 -16.80 -15.33
C GLU D 237 18.36 -15.58 -15.81
N LYS D 238 18.90 -14.86 -16.79
CA LYS D 238 18.18 -13.75 -17.43
C LYS D 238 16.82 -14.22 -17.98
N ASP D 239 16.81 -15.39 -18.62
CA ASP D 239 15.59 -15.96 -19.22
C ASP D 239 14.54 -16.39 -18.19
N LYS D 240 15.01 -16.86 -17.04
CA LYS D 240 14.16 -17.19 -15.89
C LYS D 240 13.36 -15.94 -15.48
N TRP D 241 14.06 -14.80 -15.36
CA TRP D 241 13.39 -13.54 -14.98
C TRP D 241 12.45 -13.03 -16.05
N ARG D 242 12.88 -13.11 -17.31
CA ARG D 242 12.05 -12.72 -18.44
C ARG D 242 10.72 -13.46 -18.45
N ARG D 243 10.76 -14.76 -18.18
CA ARG D 243 9.55 -15.59 -18.22
C ARG D 243 8.51 -15.26 -17.15
N LYS D 244 8.91 -14.50 -16.13
CA LYS D 244 7.98 -14.12 -15.06
C LYS D 244 7.11 -12.93 -15.44
N VAL D 245 7.51 -12.17 -16.45
CA VAL D 245 6.83 -10.90 -16.76
C VAL D 245 5.55 -11.16 -17.59
N PRO D 246 4.38 -10.84 -17.04
CA PRO D 246 3.13 -11.08 -17.78
C PRO D 246 3.06 -10.44 -19.16
N LEU D 247 3.49 -9.18 -19.26
CA LEU D 247 3.35 -8.44 -20.50
C LEU D 247 4.57 -8.64 -21.39
N GLY D 248 4.49 -9.68 -22.20
CA GLY D 248 5.50 -9.92 -23.22
C GLY D 248 6.64 -10.85 -22.85
N ARG D 249 6.71 -11.29 -21.58
CA ARG D 249 7.78 -12.19 -21.14
C ARG D 249 9.18 -11.65 -21.51
N ARG D 250 9.37 -10.37 -21.23
CA ARG D 250 10.61 -9.69 -21.54
C ARG D 250 10.80 -8.57 -20.53
N GLU D 251 12.05 -8.17 -20.33
CA GLU D 251 12.41 -7.00 -19.53
C GLU D 251 12.07 -5.69 -20.25
N ALA D 252 11.94 -4.60 -19.47
CA ALA D 252 11.78 -3.28 -20.04
C ALA D 252 13.07 -2.83 -20.71
N SER D 253 12.94 -2.19 -21.87
CA SER D 253 14.07 -1.45 -22.41
C SER D 253 14.35 -0.21 -21.54
N ALA D 254 15.60 0.25 -21.57
CA ALA D 254 15.94 1.52 -20.94
C ALA D 254 15.05 2.66 -21.43
N GLU D 255 14.71 2.63 -22.72
CA GLU D 255 13.90 3.67 -23.34
C GLU D 255 12.46 3.70 -22.81
N GLN D 256 11.92 2.53 -22.49
CA GLN D 256 10.59 2.44 -21.89
C GLN D 256 10.55 3.04 -20.50
N ILE D 257 11.63 2.86 -19.75
CA ILE D 257 11.75 3.52 -18.43
C ILE D 257 11.85 5.04 -18.62
N ALA D 258 12.71 5.46 -19.56
CA ALA D 258 12.90 6.88 -19.82
C ALA D 258 11.62 7.56 -20.26
N ASP D 259 10.78 6.84 -21.02
CA ASP D 259 9.49 7.38 -21.43
C ASP D 259 8.63 7.84 -20.24
N ALA D 260 8.66 7.08 -19.14
CA ALA D 260 7.87 7.46 -17.95
C ALA D 260 8.47 8.69 -17.27
N VAL D 261 9.80 8.77 -17.24
CA VAL D 261 10.49 9.97 -16.76
C VAL D 261 10.09 11.22 -17.59
N ILE D 262 10.12 11.09 -18.92
CA ILE D 262 9.71 12.18 -19.81
C ILE D 262 8.29 12.67 -19.51
N PHE D 263 7.36 11.74 -19.31
CA PHE D 263 6.02 12.12 -18.97
C PHE D 263 5.98 12.95 -17.69
N LEU D 264 6.66 12.46 -16.65
CA LEU D 264 6.60 13.11 -15.35
C LEU D 264 7.20 14.49 -15.32
N VAL D 265 8.20 14.74 -16.18
CA VAL D 265 8.79 16.10 -16.22
C VAL D 265 8.03 17.04 -17.14
N SER D 266 7.13 16.49 -17.96
CA SER D 266 6.40 17.22 -19.02
C SER D 266 5.27 18.11 -18.47
N GLY D 267 4.78 19.01 -19.33
CA GLY D 267 3.58 19.81 -19.05
C GLY D 267 2.30 19.01 -18.88
N SER D 268 2.31 17.75 -19.33
CA SER D 268 1.17 16.84 -19.18
C SER D 268 1.06 16.22 -17.79
N ALA D 269 1.99 16.58 -16.90
CA ALA D 269 2.04 16.03 -15.53
C ALA D 269 2.04 17.12 -14.47
N GLN D 270 1.54 18.30 -14.82
CA GLN D 270 1.64 19.47 -13.97
C GLN D 270 0.86 19.43 -12.65
N TYR D 271 -0.10 18.51 -12.55
CA TYR D 271 -0.84 18.33 -11.30
C TYR D 271 -0.41 17.04 -10.57
N ILE D 272 0.63 16.39 -11.09
CA ILE D 272 1.09 15.13 -10.50
C ILE D 272 2.29 15.39 -9.58
N THR D 273 2.12 15.07 -8.30
CA THR D 273 3.25 15.08 -7.37
C THR D 273 3.05 14.03 -6.32
N GLY D 274 4.15 13.43 -5.91
CA GLY D 274 4.11 12.35 -4.92
C GLY D 274 3.68 11.02 -5.50
N SER D 275 3.67 10.89 -6.82
CA SER D 275 3.20 9.65 -7.47
C SER D 275 4.36 8.82 -7.93
N ILE D 276 4.23 7.51 -7.81
CA ILE D 276 5.27 6.59 -8.29
C ILE D 276 4.64 5.70 -9.33
N ILE D 277 5.13 5.81 -10.56
CA ILE D 277 4.62 5.05 -11.68
C ILE D 277 5.41 3.76 -11.85
N LYS D 278 4.76 2.60 -11.67
CA LYS D 278 5.39 1.32 -11.97
C LYS D 278 5.49 1.16 -13.47
N VAL D 279 6.67 0.74 -13.92
CA VAL D 279 6.89 0.39 -15.32
C VAL D 279 7.48 -1.02 -15.29
N ASP D 280 6.59 -1.99 -15.06
CA ASP D 280 7.04 -3.34 -14.72
C ASP D 280 6.39 -4.48 -15.48
N GLY D 281 5.56 -4.17 -16.49
CA GLY D 281 4.95 -5.26 -17.31
C GLY D 281 4.08 -6.21 -16.51
N GLY D 282 3.58 -5.73 -15.35
CA GLY D 282 2.76 -6.54 -14.48
C GLY D 282 3.52 -7.43 -13.50
N LEU D 283 4.85 -7.36 -13.46
CA LEU D 283 5.65 -8.27 -12.64
C LEU D 283 5.26 -8.25 -11.16
N SER D 284 4.99 -7.05 -10.61
CA SER D 284 4.67 -6.96 -9.19
C SER D 284 3.29 -7.56 -8.83
N LEU D 285 2.49 -7.87 -9.83
CA LEU D 285 1.18 -8.48 -9.61
C LEU D 285 1.23 -10.00 -9.53
N VAL D 286 2.39 -10.60 -9.81
CA VAL D 286 2.50 -12.07 -9.96
C VAL D 286 2.84 -12.70 -8.61
N HIS D 287 1.97 -13.60 -8.14
CA HIS D 287 2.23 -14.28 -6.86
C HIS D 287 3.34 -15.32 -7.00
N ALA D 288 3.84 -15.77 -5.84
CA ALA D 288 4.90 -16.79 -5.72
C ALA D 288 4.54 -18.06 -6.49
PA NAP E . -14.75 -21.47 2.84
O1A NAP E . -14.67 -22.83 3.47
O2A NAP E . -14.38 -21.30 1.40
O5B NAP E . -16.19 -20.84 3.07
C5B NAP E . -16.69 -20.66 4.40
C4B NAP E . -18.20 -20.70 4.36
O4B NAP E . -18.74 -19.67 3.53
C3B NAP E . -18.79 -21.97 3.76
O3B NAP E . -18.72 -23.06 4.70
C2B NAP E . -20.20 -21.54 3.41
O2B NAP E . -21.19 -22.01 4.35
C1B NAP E . -20.11 -20.00 3.40
N9A NAP E . -20.73 -19.52 2.16
C8A NAP E . -20.32 -19.70 0.89
N7A NAP E . -21.21 -19.19 0.02
C5A NAP E . -22.22 -18.68 0.76
C6A NAP E . -23.51 -17.99 0.50
N6A NAP E . -23.90 -17.76 -0.77
N1A NAP E . -24.26 -17.66 1.57
C2A NAP E . -23.89 -17.90 2.85
N3A NAP E . -22.73 -18.52 3.17
C4A NAP E . -21.91 -18.91 2.17
O3 NAP E . -13.85 -20.47 3.72
PN NAP E . -12.46 -20.76 4.48
O1N NAP E . -12.77 -21.34 5.83
O2N NAP E . -11.48 -21.45 3.58
O5D NAP E . -11.90 -19.27 4.68
C5D NAP E . -12.49 -18.41 5.68
C4D NAP E . -12.33 -16.94 5.25
O4D NAP E . -10.95 -16.66 5.07
C3D NAP E . -13.02 -16.59 3.94
O3D NAP E . -13.50 -15.24 4.04
C2D NAP E . -11.88 -16.61 2.95
O2D NAP E . -12.07 -15.82 1.78
C1D NAP E . -10.68 -16.15 3.77
N1N NAP E . -9.47 -16.74 3.23
C2N NAP E . -9.22 -18.09 3.31
C3N NAP E . -8.05 -18.62 2.77
C7N NAP E . -7.75 -20.09 2.82
O7N NAP E . -6.62 -20.46 2.53
N7N NAP E . -8.73 -20.93 3.18
C4N NAP E . -7.14 -17.77 2.15
C5N NAP E . -7.41 -16.40 2.09
C6N NAP E . -8.60 -15.91 2.62
P2B NAP E . -21.97 -23.44 4.20
O1X NAP E . -22.88 -23.48 5.36
O2X NAP E . -20.91 -24.51 4.20
O3X NAP E . -22.75 -23.40 2.91
C4 6KT F . -8.66 -20.08 -0.56
C5 6KT F . -7.91 -17.86 -1.11
C6 6KT F . -7.63 -19.22 -0.99
C8 6KT F . -12.20 -18.89 0.31
C10 6KT F . -6.34 -19.65 -1.31
N12 6KT F . -13.48 -18.72 0.63
C1 6KT F . -10.14 -18.26 -0.39
C2 6KT F . -9.89 -19.59 -0.28
C3 6KT F . -9.18 -17.42 -0.80
N7 6KT F . -11.40 -17.90 -0.07
S9 6KT F . -11.33 -20.36 0.26
O11 6KT F . -5.37 -18.89 -1.21
N13 6KT F . -6.24 -20.89 -1.78
C ACT G . -14.36 -28.55 10.43
O ACT G . -13.66 -28.12 11.37
OXT ACT G . -14.15 -28.27 9.23
CH3 ACT G . -15.50 -29.49 10.77
PA NAP H . 10.97 8.57 22.09
O1A NAP H . 10.60 8.91 23.49
O2A NAP H . 11.07 9.63 21.05
O5B NAP H . 12.43 7.87 21.99
C5B NAP H . 12.63 6.61 22.62
C4B NAP H . 14.08 6.52 23.05
O4B NAP H . 14.92 6.44 21.91
C3B NAP H . 14.64 7.71 23.86
O3B NAP H . 14.20 7.68 25.23
C2B NAP H . 16.14 7.51 23.67
O2B NAP H . 16.81 6.91 24.81
C1B NAP H . 16.21 6.57 22.43
N9A NAP H . 17.13 7.22 21.49
C8A NAP H . 16.98 8.40 20.83
N7A NAP H . 18.10 8.73 20.13
C5A NAP H . 18.99 7.72 20.36
C6A NAP H . 20.39 7.40 19.95
N6A NAP H . 21.08 8.22 19.15
N1A NAP H . 20.91 6.27 20.45
C2A NAP H . 20.24 5.41 21.24
N3A NAP H . 18.98 5.61 21.69
C4A NAP H . 18.35 6.74 21.26
O3 NAP H . 10.04 7.38 21.50
PN NAP H . 8.52 7.02 21.91
O1N NAP H . 8.49 6.24 23.16
O2N NAP H . 7.63 8.25 21.78
O5D NAP H . 8.10 6.03 20.71
C5D NAP H . 8.61 4.68 20.68
C4D NAP H . 8.68 4.22 19.22
O4D NAP H . 7.38 4.38 18.63
C3D NAP H . 9.67 4.98 18.35
O3D NAP H . 10.29 4.07 17.42
C2D NAP H . 8.78 5.93 17.57
O2D NAP H . 9.31 6.38 16.30
C1D NAP H . 7.49 5.15 17.43
N1N NAP H . 6.36 6.08 17.31
C2N NAP H . 5.96 6.83 18.38
C3N NAP H . 4.90 7.72 18.27
C7N NAP H . 4.40 8.56 19.41
O7N NAP H . 3.34 9.16 19.25
N7N NAP H . 5.10 8.68 20.54
C4N NAP H . 4.27 7.83 17.03
C5N NAP H . 4.70 7.05 15.96
C6N NAP H . 5.77 6.19 16.10
P2B NAP H . 17.41 7.75 26.07
O1X NAP H . 18.03 6.72 26.99
O2X NAP H . 16.24 8.50 26.69
O3X NAP H . 18.46 8.69 25.48
C4 6KT I . 6.06 11.13 17.72
C5 6KT I . 5.69 10.35 15.49
C6 6KT I . 5.23 11.09 16.57
C8 6KT I . 9.42 9.29 18.06
C10 6KT I . 3.99 11.77 16.46
N12 6KT I . 10.59 8.79 18.42
C1 6KT I . 7.67 9.71 16.70
C2 6KT I . 7.25 10.46 17.77
C3 6KT I . 6.90 9.66 15.59
N7 6KT I . 8.86 9.09 16.88
S9 6KT I . 8.44 10.30 18.97
O11 6KT I . 3.15 11.47 15.59
N13 6KT I . 3.73 12.71 17.39
C ACT J . 28.53 -0.61 23.66
O ACT J . 27.49 -1.32 23.69
OXT ACT J . 28.58 0.47 23.02
CH3 ACT J . 29.76 -1.05 24.39
PA NAP K . -19.40 12.42 -12.66
O1A NAP K . -19.61 13.75 -13.34
O2A NAP K . -19.83 12.21 -11.23
O5B NAP K . -20.09 11.25 -13.51
C5B NAP K . -19.70 11.03 -14.86
C4B NAP K . -20.82 10.41 -15.67
O4B NAP K . -21.07 9.09 -15.20
C3B NAP K . -22.17 11.10 -15.56
O3B NAP K . -22.24 12.28 -16.36
C2B NAP K . -23.12 10.01 -16.02
O2B NAP K . -23.53 10.11 -17.39
C1B NAP K . -22.32 8.73 -15.76
N9A NAP K . -23.18 7.90 -14.86
C8A NAP K . -23.50 8.08 -13.56
N7A NAP K . -24.36 7.11 -13.13
C5A NAP K . -24.62 6.32 -14.19
C6A NAP K . -25.45 5.12 -14.50
N6A NAP K . -26.21 4.53 -13.55
N1A NAP K . -25.43 4.64 -15.77
C2A NAP K . -24.67 5.19 -16.74
N3A NAP K . -23.89 6.28 -16.56
C4A NAP K . -23.85 6.86 -15.33
O3 NAP K . -17.85 11.99 -12.82
PN NAP K . -16.60 13.01 -12.84
O1N NAP K . -16.70 13.94 -11.65
O2N NAP K . -16.44 13.56 -14.23
O5D NAP K . -15.42 11.95 -12.56
C5D NAP K . -15.03 10.98 -13.55
C4D NAP K . -14.34 9.77 -12.92
O4D NAP K . -13.27 10.18 -12.04
C3D NAP K . -15.29 8.94 -12.06
O3D NAP K . -14.98 7.55 -12.24
C2D NAP K . -15.01 9.38 -10.65
O2D NAP K . -15.35 8.43 -9.62
C1D NAP K . -13.52 9.69 -10.72
N1N NAP K . -13.16 10.72 -9.75
C2N NAP K . -13.50 12.01 -9.92
C3N NAP K . -13.14 12.96 -8.97
C7N NAP K . -13.53 14.41 -9.14
O7N NAP K . -13.03 15.22 -8.38
N7N NAP K . -14.41 14.77 -10.09
C4N NAP K . -12.42 12.55 -7.85
C5N NAP K . -12.07 11.21 -7.70
C6N NAP K . -12.46 10.30 -8.66
P2B NAP K . -24.91 10.85 -17.88
O1X NAP K . -24.68 12.29 -17.48
O2X NAP K . -24.95 10.61 -19.35
O3X NAP K . -26.05 10.20 -17.14
C4 6KT L . -15.98 13.76 -6.61
C5 6KT L . -14.66 12.20 -5.37
C6 6KT L . -15.04 13.50 -5.60
C8 6KT L . -17.54 11.14 -8.84
C10 6KT L . -14.52 14.54 -4.81
N12 6KT L . -18.24 10.47 -9.74
C1 6KT L . -16.09 11.47 -7.13
C2 6KT L . -16.47 12.75 -7.34
C3 6KT L . -15.21 11.21 -6.17
N7 6KT L . -16.69 10.58 -7.97
S9 6KT L . -17.57 12.75 -8.59
O11 6KT L . -13.40 14.45 -4.32
N13 6KT L . -15.33 15.59 -4.66
C1 GOL M . -23.78 11.08 -33.60
O1 GOL M . -24.78 11.83 -32.91
C2 GOL M . -24.41 9.77 -34.07
O2 GOL M . -23.84 9.39 -35.31
C3 GOL M . -24.03 8.76 -32.99
O3 GOL M . -24.35 7.39 -33.25
C1 GOL N . -28.00 6.08 -29.68
O1 GOL N . -27.68 6.44 -28.33
C2 GOL N . -27.49 4.67 -29.94
O2 GOL N . -27.33 3.98 -28.69
C3 GOL N . -28.50 3.95 -30.84
O3 GOL N . -28.10 2.58 -30.96
PA NAP O . 22.91 0.47 -12.66
O1A NAP O . 23.45 0.18 -14.04
O2A NAP O . 22.93 -0.59 -11.58
O5B NAP O . 23.57 1.75 -11.97
C5B NAP O . 23.52 3.02 -12.59
C4B NAP O . 24.76 3.84 -12.25
O4B NAP O . 24.80 4.14 -10.86
C3B NAP O . 26.10 3.15 -12.49
O3B NAP O . 26.42 3.16 -13.90
C2B NAP O . 27.05 3.97 -11.62
O2B NAP O . 27.83 4.95 -12.34
C1B NAP O . 26.09 4.64 -10.60
N9A NAP O . 26.61 4.36 -9.27
C8A NAP O . 26.74 3.19 -8.62
N7A NAP O . 27.38 3.37 -7.43
C5A NAP O . 27.67 4.69 -7.33
C6A NAP O . 28.35 5.58 -6.37
N6A NAP O . 28.85 5.09 -5.21
N1A NAP O . 28.46 6.89 -6.69
C2A NAP O . 27.96 7.41 -7.82
N3A NAP O . 27.32 6.66 -8.76
C4A NAP O . 27.18 5.33 -8.55
O3 NAP O . 21.39 1.02 -12.75
PN NAP O . 20.32 0.63 -13.84
O1N NAP O . 20.60 1.45 -15.07
O2N NAP O . 20.19 -0.88 -13.94
O5D NAP O . 18.97 1.15 -13.15
C5D NAP O . 18.75 2.56 -13.05
C4D NAP O . 17.88 2.85 -11.82
O4D NAP O . 16.67 2.09 -11.89
C3D NAP O . 18.53 2.48 -10.50
O3D NAP O . 18.12 3.45 -9.51
C2D NAP O . 17.90 1.16 -10.15
O2D NAP O . 17.85 0.87 -8.73
C1D NAP O . 16.51 1.25 -10.74
N1N NAP O . 16.02 -0.08 -11.08
C2N NAP O . 16.57 -0.82 -12.09
C3N NAP O . 16.09 -2.09 -12.39
C7N NAP O . 16.68 -2.90 -13.51
O7N NAP O . 16.15 -3.95 -13.81
N7N NAP O . 17.80 -2.47 -14.12
C4N NAP O . 15.05 -2.65 -11.63
C5N NAP O . 14.52 -1.87 -10.59
C6N NAP O . 15.03 -0.60 -10.34
P2B NAP O . 29.29 4.67 -13.02
O1X NAP O . 29.69 5.96 -13.63
O2X NAP O . 29.09 3.55 -14.01
O3X NAP O . 30.20 4.25 -11.89
C4 6KT P . 18.37 -4.72 -10.96
C5 6KT P . 16.63 -4.54 -9.31
C6 6KT P . 17.20 -5.24 -10.38
C8 6KT P . 20.11 -1.48 -9.84
C10 6KT P . 16.59 -6.44 -10.81
N12 6KT P . 20.90 -0.42 -9.64
C1 6KT P . 18.36 -2.88 -9.47
C2 6KT P . 18.92 -3.57 -10.51
C3 6KT P . 17.23 -3.36 -8.89
N7 6KT P . 19.01 -1.75 -9.13
S9 6KT P . 20.30 -2.71 -10.99
O11 6KT P . 15.46 -6.75 -10.45
N13 6KT P . 17.33 -7.23 -11.62
#